data_4GLL
#
_entry.id   4GLL
#
_cell.length_a   125.610
_cell.length_b   125.610
_cell.length_c   98.920
_cell.angle_alpha   90.00
_cell.angle_beta   90.00
_cell.angle_gamma   120.00
#
_symmetry.space_group_name_H-M   'P 32 2 1'
#
loop_
_entity.id
_entity.type
_entity.pdbx_description
1 polymer 'UDP-glucuronic acid decarboxylase 1'
2 non-polymer NICOTINAMIDE-ADENINE-DINUCLEOTIDE
3 non-polymer GUANIDINE
4 non-polymer 'SULFATE ION'
5 water water
#
_entity_poly.entity_id   1
_entity_poly.type   'polypeptide(L)'
_entity_poly.pdbx_seq_one_letter_code
;MEKDRKRILITGGAGFVGSHLTDKLMMDGHEVTVVDNFFTGRKRNVEHWIGHENFELINHDVVEPLYIEVDQIYHLASPA
SPPNYMYNPIKTLKTNTIGTLNMLGLAKRVGARLLLASTSEVYGDPEVHPQSEDYWGHVNPIGPRACYDEGKRVAETMCY
AYMKQEGVEVRVARIFNTFGPRMHMNDGRVVSNFILQALQGEPLTVYGSGSQTRAFQYVSDLVNGLVALMNSNVSSPVNL
GNPEEHTILEFAQLIKNLVGSGSEIQFLSEAQDDPQKRKPDIKKAKLMLGWEPVVPLEEGLNKAIHYFRKELEYQANNQY
IPKPKPARIKKGRTRHS
;
_entity_poly.pdbx_strand_id   A,B
#
loop_
_chem_comp.id
_chem_comp.type
_chem_comp.name
_chem_comp.formula
GAI non-polymer GUANIDINE 'C H5 N3'
NAD non-polymer NICOTINAMIDE-ADENINE-DINUCLEOTIDE 'C21 H27 N7 O14 P2'
SO4 non-polymer 'SULFATE ION' 'O4 S -2'
#
# COMPACT_ATOMS: atom_id res chain seq x y z
N ARG A 5 -6.14 -35.26 8.40
CA ARG A 5 -5.41 -34.55 9.50
C ARG A 5 -5.88 -33.09 9.65
N LYS A 6 -5.30 -32.18 8.86
CA LYS A 6 -5.53 -30.76 9.08
C LYS A 6 -6.85 -30.21 8.57
N ARG A 7 -7.36 -29.20 9.28
CA ARG A 7 -8.47 -28.42 8.82
C ARG A 7 -7.94 -27.19 8.09
N ILE A 8 -8.31 -27.08 6.81
CA ILE A 8 -7.69 -26.12 5.93
C ILE A 8 -8.73 -25.26 5.21
N LEU A 9 -8.49 -23.95 5.23
CA LEU A 9 -9.34 -22.98 4.54
C LEU A 9 -8.58 -22.41 3.32
N ILE A 10 -9.24 -22.39 2.16
CA ILE A 10 -8.66 -21.77 1.00
C ILE A 10 -9.59 -20.70 0.55
N THR A 11 -9.18 -19.44 0.66
CA THR A 11 -9.93 -18.35 0.05
C THR A 11 -9.51 -18.27 -1.40
N GLY A 12 -10.48 -18.03 -2.28
CA GLY A 12 -10.23 -18.10 -3.72
C GLY A 12 -10.04 -19.52 -4.23
N GLY A 13 -10.50 -20.49 -3.46
CA GLY A 13 -10.26 -21.89 -3.76
C GLY A 13 -10.89 -22.41 -5.05
N ALA A 14 -11.83 -21.65 -5.64
CA ALA A 14 -12.53 -22.10 -6.86
C ALA A 14 -11.88 -21.51 -8.11
N GLY A 15 -10.78 -20.77 -7.91
CA GLY A 15 -10.05 -20.09 -8.98
C GLY A 15 -9.01 -20.97 -9.63
N PHE A 16 -8.17 -20.38 -10.49
CA PHE A 16 -7.11 -21.12 -11.21
C PHE A 16 -6.14 -21.89 -10.25
N VAL A 17 -5.26 -21.14 -9.57
CA VAL A 17 -4.32 -21.79 -8.63
C VAL A 17 -5.04 -22.48 -7.47
N GLY A 18 -6.07 -21.85 -6.93
CA GLY A 18 -6.77 -22.35 -5.77
C GLY A 18 -7.47 -23.68 -5.90
N SER A 19 -8.12 -23.91 -7.04
CA SER A 19 -8.72 -25.20 -7.34
C SER A 19 -7.67 -26.35 -7.46
N HIS A 20 -6.49 -26.06 -8.03
CA HIS A 20 -5.46 -27.08 -8.08
C HIS A 20 -4.85 -27.31 -6.69
N LEU A 21 -4.83 -26.26 -5.87
CA LEU A 21 -4.43 -26.39 -4.49
C LEU A 21 -5.43 -27.31 -3.76
N THR A 22 -6.72 -27.01 -3.89
CA THR A 22 -7.79 -27.85 -3.35
C THR A 22 -7.59 -29.34 -3.71
N ASP A 23 -7.48 -29.64 -5.00
CA ASP A 23 -7.24 -31.01 -5.43
C ASP A 23 -6.16 -31.66 -4.62
N LYS A 24 -4.99 -31.03 -4.59
CA LYS A 24 -3.85 -31.66 -3.97
C LYS A 24 -4.15 -31.94 -2.52
N LEU A 25 -4.81 -31.00 -1.86
CA LEU A 25 -5.04 -31.10 -0.41
C LEU A 25 -6.16 -32.07 -0.09
N MET A 26 -7.13 -32.16 -0.99
CA MET A 26 -8.18 -33.13 -0.84
C MET A 26 -7.63 -34.53 -0.98
N MET A 27 -6.71 -34.73 -1.92
CA MET A 27 -6.09 -36.03 -2.10
C MET A 27 -5.03 -36.41 -1.06
N ASP A 28 -4.52 -35.46 -0.29
CA ASP A 28 -3.57 -35.79 0.78
C ASP A 28 -4.31 -36.16 2.04
N GLY A 29 -5.63 -36.04 2.00
CA GLY A 29 -6.43 -36.46 3.13
C GLY A 29 -7.12 -35.39 3.94
N HIS A 30 -6.79 -34.12 3.73
CA HIS A 30 -7.21 -33.06 4.67
C HIS A 30 -8.66 -32.70 4.53
N GLU A 31 -9.16 -31.93 5.50
CA GLU A 31 -10.52 -31.38 5.47
C GLU A 31 -10.50 -29.95 4.96
N VAL A 32 -10.96 -29.81 3.72
CA VAL A 32 -10.80 -28.56 3.00
C VAL A 32 -12.12 -27.83 2.93
N THR A 33 -12.09 -26.57 3.34
CA THR A 33 -13.20 -25.66 3.11
C THR A 33 -12.81 -24.57 2.10
N VAL A 34 -13.62 -24.40 1.06
CA VAL A 34 -13.36 -23.40 0.05
C VAL A 34 -14.32 -22.23 0.21
N VAL A 35 -13.75 -21.03 0.35
CA VAL A 35 -14.48 -19.79 0.37
C VAL A 35 -14.20 -19.06 -0.93
N ASP A 36 -15.26 -18.59 -1.59
CA ASP A 36 -15.16 -17.97 -2.92
C ASP A 36 -16.46 -17.27 -3.30
N ASN A 37 -16.37 -16.09 -3.91
CA ASN A 37 -17.55 -15.37 -4.35
C ASN A 37 -17.86 -15.54 -5.82
N PHE A 38 -17.04 -16.32 -6.52
CA PHE A 38 -17.29 -16.62 -7.93
C PHE A 38 -17.25 -15.40 -8.85
N PHE A 39 -16.58 -14.36 -8.38
CA PHE A 39 -16.33 -13.18 -9.16
C PHE A 39 -15.51 -13.55 -10.38
N THR A 40 -14.48 -14.40 -10.21
CA THR A 40 -13.72 -14.90 -11.34
C THR A 40 -13.59 -16.40 -11.30
N GLY A 41 -13.84 -17.03 -10.16
CA GLY A 41 -13.71 -18.48 -10.08
C GLY A 41 -14.91 -19.17 -10.71
N ARG A 42 -14.90 -20.49 -10.73
CA ARG A 42 -16.04 -21.21 -11.26
C ARG A 42 -16.25 -22.55 -10.59
N LYS A 43 -17.52 -22.84 -10.31
CA LYS A 43 -17.92 -24.10 -9.69
C LYS A 43 -17.35 -25.30 -10.41
N ARG A 44 -17.29 -25.30 -11.75
CA ARG A 44 -16.71 -26.45 -12.45
C ARG A 44 -15.33 -26.78 -11.93
N ASN A 45 -14.65 -25.80 -11.36
CA ASN A 45 -13.27 -26.01 -10.94
C ASN A 45 -13.15 -26.93 -9.75
N VAL A 46 -14.18 -26.96 -8.91
CA VAL A 46 -14.10 -27.75 -7.70
C VAL A 46 -15.21 -28.80 -7.58
N GLU A 47 -15.97 -28.97 -8.67
CA GLU A 47 -17.24 -29.70 -8.62
C GLU A 47 -17.05 -31.17 -8.25
N HIS A 48 -15.94 -31.74 -8.65
CA HIS A 48 -15.57 -33.07 -8.24
C HIS A 48 -15.59 -33.37 -6.74
N TRP A 49 -15.42 -32.39 -5.88
CA TRP A 49 -15.32 -32.68 -4.48
C TRP A 49 -16.59 -32.38 -3.73
N ILE A 50 -17.53 -31.75 -4.40
CA ILE A 50 -18.79 -31.49 -3.73
C ILE A 50 -19.43 -32.80 -3.42
N GLY A 51 -19.91 -32.93 -2.20
CA GLY A 51 -20.44 -34.18 -1.76
C GLY A 51 -19.45 -35.02 -1.00
N HIS A 52 -18.18 -34.91 -1.32
CA HIS A 52 -17.19 -35.65 -0.58
C HIS A 52 -17.20 -35.22 0.85
N GLU A 53 -16.85 -36.18 1.66
CA GLU A 53 -17.01 -36.08 3.06
C GLU A 53 -16.16 -34.97 3.69
N ASN A 54 -14.98 -34.73 3.17
CA ASN A 54 -14.10 -33.79 3.81
C ASN A 54 -14.10 -32.39 3.20
N PHE A 55 -14.97 -32.12 2.26
CA PHE A 55 -14.96 -30.89 1.53
C PHE A 55 -16.14 -30.03 1.89
N GLU A 56 -15.95 -28.74 1.92
CA GLU A 56 -17.08 -27.86 2.02
C GLU A 56 -16.84 -26.68 1.13
N LEU A 57 -17.81 -26.34 0.30
CA LEU A 57 -17.74 -25.16 -0.51
C LEU A 57 -18.63 -24.09 0.08
N ILE A 58 -18.08 -22.92 0.36
CA ILE A 58 -18.90 -21.79 0.83
C ILE A 58 -18.85 -20.57 -0.11
N ASN A 59 -20.01 -20.23 -0.68
CA ASN A 59 -20.14 -18.98 -1.41
C ASN A 59 -20.09 -17.78 -0.48
N HIS A 60 -18.95 -17.08 -0.45
CA HIS A 60 -18.69 -16.06 0.56
C HIS A 60 -17.61 -15.08 0.09
N ASP A 61 -17.91 -13.79 0.18
CA ASP A 61 -16.94 -12.75 -0.13
C ASP A 61 -16.06 -12.44 1.08
N VAL A 62 -14.75 -12.49 0.90
CA VAL A 62 -13.84 -12.31 2.05
C VAL A 62 -13.86 -10.88 2.65
N VAL A 63 -14.61 -9.97 2.03
CA VAL A 63 -14.77 -8.65 2.66
C VAL A 63 -15.74 -8.75 3.83
N GLU A 64 -16.33 -9.93 3.98
CA GLU A 64 -17.18 -10.24 5.12
C GLU A 64 -16.44 -11.16 6.10
N PRO A 65 -16.62 -10.89 7.41
CA PRO A 65 -16.03 -11.70 8.48
C PRO A 65 -16.38 -13.16 8.36
N LEU A 66 -15.47 -13.98 8.80
CA LEU A 66 -15.70 -15.38 8.78
C LEU A 66 -15.23 -15.95 10.13
N TYR A 67 -15.97 -16.94 10.63
CA TYR A 67 -15.80 -17.50 11.97
C TYR A 67 -15.88 -18.98 11.76
N ILE A 68 -14.75 -19.63 11.74
CA ILE A 68 -14.67 -21.05 11.49
C ILE A 68 -13.39 -21.54 12.14
N GLU A 69 -13.43 -22.71 12.79
CA GLU A 69 -12.21 -23.27 13.32
C GLU A 69 -11.41 -23.97 12.22
N VAL A 70 -10.23 -23.44 11.90
CA VAL A 70 -9.31 -24.12 10.99
C VAL A 70 -7.89 -24.06 11.53
N ASP A 71 -7.01 -24.93 11.04
CA ASP A 71 -5.57 -24.95 11.38
C ASP A 71 -4.73 -24.11 10.44
N GLN A 72 -5.13 -24.04 9.17
CA GLN A 72 -4.36 -23.36 8.15
C GLN A 72 -5.30 -22.58 7.24
N ILE A 73 -4.89 -21.36 6.88
CA ILE A 73 -5.56 -20.57 5.84
C ILE A 73 -4.64 -20.21 4.64
N TYR A 74 -5.05 -20.62 3.46
CA TYR A 74 -4.36 -20.22 2.26
C TYR A 74 -5.21 -19.13 1.67
N HIS A 75 -4.66 -17.92 1.64
CA HIS A 75 -5.49 -16.77 1.31
C HIS A 75 -5.16 -16.38 -0.12
N LEU A 76 -5.92 -16.95 -1.06
CA LEU A 76 -5.78 -16.67 -2.49
C LEU A 76 -6.92 -15.84 -3.10
N ALA A 77 -7.90 -15.44 -2.28
CA ALA A 77 -9.01 -14.65 -2.80
C ALA A 77 -8.56 -13.29 -3.28
N SER A 78 -8.51 -13.10 -4.59
CA SER A 78 -8.12 -11.84 -5.19
C SER A 78 -8.16 -11.97 -6.71
N PRO A 79 -8.78 -10.99 -7.39
CA PRO A 79 -8.64 -10.85 -8.86
C PRO A 79 -7.15 -10.93 -9.26
N ALA A 80 -6.83 -11.60 -10.37
CA ALA A 80 -5.45 -11.99 -10.66
C ALA A 80 -4.87 -11.61 -12.03
N SER A 81 -5.66 -11.66 -13.10
CA SER A 81 -5.17 -11.16 -14.36
C SER A 81 -5.57 -9.72 -14.56
N PRO A 82 -4.66 -8.93 -15.16
CA PRO A 82 -4.78 -7.49 -15.40
C PRO A 82 -6.15 -6.94 -15.92
N PRO A 83 -6.78 -7.62 -16.90
CA PRO A 83 -8.09 -7.08 -17.34
C PRO A 83 -9.15 -7.14 -16.23
N ASN A 84 -9.21 -8.26 -15.52
CA ASN A 84 -10.13 -8.39 -14.36
C ASN A 84 -9.91 -7.35 -13.26
N TYR A 85 -8.66 -7.11 -12.87
CA TYR A 85 -8.46 -6.21 -11.74
C TYR A 85 -8.50 -4.75 -12.13
N MET A 86 -7.96 -4.42 -13.30
CA MET A 86 -7.95 -3.03 -13.75
C MET A 86 -9.35 -2.52 -14.07
N TYR A 87 -10.26 -3.42 -14.38
CA TYR A 87 -11.63 -3.01 -14.64
C TYR A 87 -12.38 -2.67 -13.35
N ASN A 88 -11.97 -3.25 -12.24
CA ASN A 88 -12.55 -2.86 -10.98
C ASN A 88 -11.57 -2.60 -9.89
N PRO A 89 -10.90 -1.44 -9.99
CA PRO A 89 -9.86 -1.02 -9.04
C PRO A 89 -10.39 -0.97 -7.60
N ILE A 90 -11.62 -0.55 -7.46
CA ILE A 90 -12.18 -0.42 -6.14
C ILE A 90 -12.46 -1.77 -5.46
N LYS A 91 -13.07 -2.71 -6.19
CA LYS A 91 -13.27 -4.04 -5.69
C LYS A 91 -11.92 -4.71 -5.41
N THR A 92 -10.98 -4.58 -6.35
CA THR A 92 -9.64 -5.02 -6.12
C THR A 92 -9.00 -4.50 -4.82
N LEU A 93 -9.14 -3.20 -4.51
CA LEU A 93 -8.52 -2.68 -3.30
C LEU A 93 -9.25 -3.22 -2.05
N LYS A 94 -10.58 -3.18 -2.09
CA LYS A 94 -11.38 -3.66 -0.97
C LYS A 94 -11.06 -5.12 -0.63
N THR A 95 -10.93 -5.93 -1.66
CA THR A 95 -10.58 -7.33 -1.48
C THR A 95 -9.21 -7.56 -0.85
N ASN A 96 -8.21 -6.84 -1.32
CA ASN A 96 -6.89 -7.02 -0.80
C ASN A 96 -6.72 -6.38 0.55
N THR A 97 -7.47 -5.31 0.82
CA THR A 97 -7.40 -4.67 2.14
C THR A 97 -8.37 -5.23 3.17
N ILE A 98 -9.67 -5.02 3.00
CA ILE A 98 -10.65 -5.42 3.99
C ILE A 98 -10.59 -6.93 4.10
N GLY A 99 -10.45 -7.60 2.97
CA GLY A 99 -10.40 -9.08 2.94
C GLY A 99 -9.20 -9.70 3.65
N THR A 100 -8.02 -9.11 3.48
CA THR A 100 -6.86 -9.59 4.23
C THR A 100 -6.95 -9.28 5.75
N LEU A 101 -7.45 -8.10 6.08
CA LEU A 101 -7.73 -7.79 7.48
C LEU A 101 -8.65 -8.86 8.06
N ASN A 102 -9.70 -9.21 7.33
CA ASN A 102 -10.64 -10.20 7.85
C ASN A 102 -10.04 -11.57 8.06
N MET A 103 -9.21 -12.03 7.11
CA MET A 103 -8.69 -13.37 7.19
C MET A 103 -7.59 -13.44 8.26
N LEU A 104 -6.86 -12.34 8.43
CA LEU A 104 -5.89 -12.25 9.50
C LEU A 104 -6.60 -12.21 10.87
N GLY A 105 -7.75 -11.54 10.95
CA GLY A 105 -8.57 -11.57 12.16
C GLY A 105 -9.05 -12.98 12.53
N LEU A 106 -9.44 -13.76 11.53
CA LEU A 106 -9.77 -15.14 11.76
C LEU A 106 -8.54 -15.92 12.24
N ALA A 107 -7.42 -15.76 11.54
CA ALA A 107 -6.23 -16.49 11.86
C ALA A 107 -5.79 -16.23 13.30
N LYS A 108 -5.73 -14.95 13.68
CA LYS A 108 -5.54 -14.57 15.06
C LYS A 108 -6.52 -15.25 16.03
N ARG A 109 -7.83 -15.11 15.80
CA ARG A 109 -8.82 -15.71 16.69
C ARG A 109 -8.65 -17.22 16.87
N VAL A 110 -8.46 -17.96 15.79
CA VAL A 110 -8.56 -19.42 15.87
C VAL A 110 -7.19 -20.10 15.93
N GLY A 111 -6.13 -19.31 16.01
CA GLY A 111 -4.77 -19.84 15.92
C GLY A 111 -4.39 -20.56 14.64
N ALA A 112 -4.91 -20.09 13.50
CA ALA A 112 -4.50 -20.65 12.19
C ALA A 112 -3.18 -20.04 11.70
N ARG A 113 -2.40 -20.85 10.99
CA ARG A 113 -1.32 -20.31 10.18
C ARG A 113 -1.89 -19.80 8.84
N LEU A 114 -1.53 -18.58 8.47
CA LEU A 114 -2.05 -17.97 7.26
C LEU A 114 -0.95 -17.79 6.24
N LEU A 115 -1.21 -18.23 5.00
CA LEU A 115 -0.33 -17.97 3.87
C LEU A 115 -0.96 -17.01 2.85
N LEU A 116 -0.24 -15.95 2.52
CA LEU A 116 -0.72 -14.94 1.58
C LEU A 116 -0.18 -15.19 0.16
N ALA A 117 -1.08 -15.23 -0.82
CA ALA A 117 -0.70 -15.31 -2.23
C ALA A 117 -0.39 -13.89 -2.73
N SER A 118 0.82 -13.45 -2.50
CA SER A 118 1.27 -12.23 -3.06
C SER A 118 1.83 -12.54 -4.45
N THR A 119 2.62 -11.63 -4.98
CA THR A 119 2.79 -11.50 -6.41
C THR A 119 4.08 -10.75 -6.71
N SER A 120 4.73 -11.17 -7.78
CA SER A 120 5.92 -10.45 -8.22
C SER A 120 5.67 -8.98 -8.53
N GLU A 121 4.42 -8.59 -8.76
CA GLU A 121 4.13 -7.16 -8.95
C GLU A 121 4.45 -6.23 -7.77
N VAL A 122 4.62 -6.76 -6.55
CA VAL A 122 5.07 -5.92 -5.47
C VAL A 122 6.41 -5.31 -5.82
N TYR A 123 7.15 -5.97 -6.72
CA TYR A 123 8.44 -5.44 -7.22
C TYR A 123 8.32 -4.33 -8.27
N GLY A 124 7.12 -4.13 -8.83
CA GLY A 124 6.91 -3.07 -9.85
C GLY A 124 7.65 -3.29 -11.15
N ASP A 125 8.24 -2.20 -11.68
CA ASP A 125 9.17 -2.29 -12.82
C ASP A 125 10.56 -2.29 -12.27
N PRO A 126 11.18 -3.47 -12.17
CA PRO A 126 12.27 -3.60 -11.21
C PRO A 126 13.51 -2.88 -11.71
N GLU A 127 14.20 -2.22 -10.80
CA GLU A 127 15.50 -1.66 -11.14
C GLU A 127 16.63 -2.59 -10.69
N VAL A 128 16.28 -3.82 -10.31
CA VAL A 128 17.28 -4.83 -9.97
C VAL A 128 16.95 -6.15 -10.70
N HIS A 129 17.97 -6.87 -11.17
CA HIS A 129 17.69 -8.06 -11.99
C HIS A 129 18.68 -9.13 -11.55
N PRO A 130 18.19 -10.33 -11.18
CA PRO A 130 16.77 -10.67 -11.04
C PRO A 130 16.21 -10.06 -9.76
N GLN A 131 14.96 -10.37 -9.42
CA GLN A 131 14.41 -9.83 -8.18
C GLN A 131 14.49 -10.84 -7.05
N SER A 132 15.30 -10.55 -6.04
CA SER A 132 15.18 -11.34 -4.81
C SER A 132 14.27 -10.66 -3.81
N GLU A 133 14.00 -11.36 -2.72
CA GLU A 133 13.01 -10.95 -1.73
C GLU A 133 13.45 -9.71 -0.91
N ASP A 134 14.71 -9.38 -0.93
CA ASP A 134 15.25 -8.17 -0.35
C ASP A 134 14.78 -6.92 -1.05
N TYR A 135 14.48 -7.03 -2.36
CA TYR A 135 14.22 -5.85 -3.17
C TYR A 135 12.91 -5.19 -2.67
N TRP A 136 12.95 -3.88 -2.43
CA TRP A 136 11.75 -3.14 -1.97
C TRP A 136 10.77 -2.85 -3.10
N GLY A 137 11.20 -3.02 -4.36
CA GLY A 137 10.32 -2.79 -5.51
C GLY A 137 10.24 -1.32 -5.90
N HIS A 138 9.79 -1.10 -7.15
CA HIS A 138 9.71 0.22 -7.75
C HIS A 138 8.33 0.32 -8.42
N VAL A 139 7.36 0.87 -7.69
CA VAL A 139 5.96 0.68 -7.94
C VAL A 139 5.29 2.06 -7.91
N ASN A 140 4.45 2.35 -8.89
CA ASN A 140 3.75 3.63 -8.95
C ASN A 140 2.55 3.53 -8.04
N PRO A 141 2.46 4.37 -7.01
CA PRO A 141 1.35 4.16 -6.06
C PRO A 141 -0.01 4.63 -6.61
N ILE A 142 0.01 5.33 -7.75
CA ILE A 142 -1.24 5.79 -8.33
C ILE A 142 -1.40 5.51 -9.81
N GLY A 143 -0.68 4.55 -10.38
CA GLY A 143 -1.00 4.14 -11.74
C GLY A 143 -2.23 3.26 -11.82
N PRO A 144 -2.60 2.88 -13.05
CA PRO A 144 -3.77 2.05 -13.32
C PRO A 144 -3.65 0.60 -12.82
N ARG A 145 -2.45 0.21 -12.43
CA ARG A 145 -2.22 -1.14 -11.85
C ARG A 145 -2.11 -1.06 -10.33
N ALA A 146 -2.03 0.15 -9.81
CA ALA A 146 -1.70 0.30 -8.43
C ALA A 146 -2.73 -0.38 -7.54
N CYS A 147 -3.98 -0.44 -7.99
CA CYS A 147 -5.01 -1.07 -7.15
C CYS A 147 -4.65 -2.50 -6.79
N TYR A 148 -3.98 -3.21 -7.69
CA TYR A 148 -3.50 -4.56 -7.39
C TYR A 148 -2.14 -4.51 -6.69
N ASP A 149 -1.22 -3.70 -7.21
CA ASP A 149 0.17 -3.75 -6.76
C ASP A 149 0.30 -3.25 -5.33
N GLU A 150 -0.17 -2.03 -5.11
CA GLU A 150 -0.24 -1.47 -3.78
C GLU A 150 -1.20 -2.24 -2.89
N GLY A 151 -2.24 -2.80 -3.48
CA GLY A 151 -3.19 -3.62 -2.74
C GLY A 151 -2.45 -4.81 -2.14
N LYS A 152 -1.60 -5.44 -2.95
CA LYS A 152 -0.92 -6.66 -2.49
C LYS A 152 0.27 -6.29 -1.59
N ARG A 153 0.83 -5.10 -1.81
CA ARG A 153 1.93 -4.64 -0.98
C ARG A 153 1.44 -4.45 0.44
N VAL A 154 0.30 -3.80 0.59
CA VAL A 154 -0.16 -3.47 1.91
C VAL A 154 -0.75 -4.72 2.59
N ALA A 155 -1.17 -5.69 1.78
CA ALA A 155 -1.60 -6.95 2.36
C ALA A 155 -0.42 -7.68 2.98
N GLU A 156 0.78 -7.55 2.37
CA GLU A 156 1.98 -8.12 2.98
C GLU A 156 2.22 -7.36 4.32
N THR A 157 2.07 -6.05 4.30
CA THR A 157 2.26 -5.25 5.50
C THR A 157 1.33 -5.72 6.60
N MET A 158 0.08 -5.99 6.25
CA MET A 158 -0.89 -6.39 7.27
C MET A 158 -0.45 -7.68 7.94
N CYS A 159 0.04 -8.62 7.14
CA CYS A 159 0.52 -9.88 7.65
C CYS A 159 1.59 -9.72 8.72
N TYR A 160 2.59 -8.89 8.45
CA TYR A 160 3.67 -8.77 9.36
C TYR A 160 3.25 -7.95 10.58
N ALA A 161 2.27 -7.08 10.38
CA ALA A 161 1.70 -6.36 11.52
C ALA A 161 1.08 -7.36 12.49
N TYR A 162 0.26 -8.27 11.99
CA TYR A 162 -0.40 -9.25 12.87
C TYR A 162 0.60 -10.24 13.43
N MET A 163 1.65 -10.48 12.66
CA MET A 163 2.67 -11.38 13.14
C MET A 163 3.38 -10.71 14.32
N LYS A 164 3.73 -9.44 14.18
CA LYS A 164 4.53 -8.71 15.16
C LYS A 164 3.70 -8.36 16.35
N GLN A 165 2.41 -8.05 16.14
CA GLN A 165 1.55 -7.51 17.21
C GLN A 165 0.67 -8.57 17.86
N GLU A 166 0.35 -9.65 17.16
CA GLU A 166 -0.60 -10.61 17.70
C GLU A 166 -0.12 -12.07 17.60
N GLY A 167 1.17 -12.28 17.34
CA GLY A 167 1.70 -13.62 17.13
C GLY A 167 0.90 -14.48 16.18
N VAL A 168 0.30 -13.90 15.15
CA VAL A 168 -0.22 -14.74 14.09
C VAL A 168 0.97 -15.38 13.38
N GLU A 169 0.89 -16.67 13.08
CA GLU A 169 1.87 -17.27 12.16
C GLU A 169 1.52 -16.94 10.69
N VAL A 170 2.46 -16.34 9.98
CA VAL A 170 2.14 -15.91 8.61
C VAL A 170 3.20 -16.43 7.68
N ARG A 171 2.75 -16.75 6.47
CA ARG A 171 3.64 -17.07 5.33
C ARG A 171 3.29 -16.19 4.12
N VAL A 172 4.29 -15.75 3.38
CA VAL A 172 4.10 -14.87 2.24
C VAL A 172 4.82 -15.40 1.01
N ALA A 173 4.02 -15.78 0.02
CA ALA A 173 4.54 -16.24 -1.25
C ALA A 173 4.44 -15.09 -2.25
N ARG A 174 5.54 -14.80 -2.94
CA ARG A 174 5.51 -13.89 -4.03
C ARG A 174 5.56 -14.67 -5.32
N ILE A 175 4.41 -14.70 -5.97
CA ILE A 175 4.11 -15.63 -7.03
C ILE A 175 4.40 -14.98 -8.36
N PHE A 176 5.18 -15.66 -9.18
CA PHE A 176 5.43 -15.20 -10.53
C PHE A 176 4.47 -15.86 -11.53
N ASN A 177 4.61 -15.49 -12.79
CA ASN A 177 3.68 -15.89 -13.80
C ASN A 177 3.55 -17.39 -13.94
N THR A 178 2.32 -17.86 -14.00
CA THR A 178 1.99 -19.25 -13.81
C THR A 178 0.97 -19.68 -14.86
N PHE A 179 1.01 -20.95 -15.28
CA PHE A 179 0.13 -21.38 -16.35
C PHE A 179 -0.42 -22.79 -16.15
N GLY A 180 -1.45 -23.16 -16.92
CA GLY A 180 -1.97 -24.52 -16.85
C GLY A 180 -3.46 -24.63 -16.99
N PRO A 181 -3.98 -25.85 -16.85
CA PRO A 181 -5.43 -26.10 -16.98
C PRO A 181 -6.14 -25.12 -16.11
N ARG A 182 -7.21 -24.50 -16.61
CA ARG A 182 -8.11 -23.68 -15.78
C ARG A 182 -7.60 -22.26 -15.63
N MET A 183 -6.43 -21.98 -16.21
CA MET A 183 -5.92 -20.60 -16.28
C MET A 183 -6.87 -19.66 -17.04
N HIS A 184 -6.66 -18.36 -16.91
CA HIS A 184 -7.43 -17.37 -17.65
C HIS A 184 -6.80 -17.12 -19.01
N MET A 185 -7.64 -16.98 -20.02
CA MET A 185 -7.12 -16.86 -21.35
C MET A 185 -7.19 -15.44 -21.88
N ASN A 186 -6.96 -14.46 -21.01
CA ASN A 186 -7.22 -13.06 -21.35
C ASN A 186 -6.15 -12.09 -20.89
N ASP A 187 -5.07 -12.63 -20.31
CA ASP A 187 -3.91 -11.82 -20.01
C ASP A 187 -3.28 -11.27 -21.29
N GLY A 188 -3.74 -11.76 -22.46
CA GLY A 188 -3.07 -11.50 -23.73
C GLY A 188 -1.58 -11.74 -23.66
N ARG A 189 -1.14 -12.57 -22.69
CA ARG A 189 0.21 -13.11 -22.68
C ARG A 189 0.43 -14.21 -23.73
N VAL A 190 1.70 -14.59 -23.89
CA VAL A 190 2.13 -15.25 -25.11
C VAL A 190 1.58 -16.67 -25.22
N VAL A 191 1.50 -17.37 -24.09
CA VAL A 191 0.98 -18.70 -24.09
C VAL A 191 -0.54 -18.77 -24.27
N SER A 192 -1.27 -17.95 -23.53
CA SER A 192 -2.72 -17.93 -23.75
C SER A 192 -3.01 -17.54 -25.18
N ASN A 193 -2.24 -16.60 -25.69
CA ASN A 193 -2.50 -16.12 -27.02
C ASN A 193 -2.17 -17.14 -28.11
N PHE A 194 -0.95 -17.69 -28.12
CA PHE A 194 -0.63 -18.81 -29.04
C PHE A 194 -1.62 -19.98 -28.98
N ILE A 195 -1.99 -20.39 -27.77
CA ILE A 195 -2.93 -21.50 -27.61
C ILE A 195 -4.29 -21.19 -28.27
N LEU A 196 -4.84 -20.02 -28.03
CA LEU A 196 -6.10 -19.67 -28.64
C LEU A 196 -5.93 -19.64 -30.16
N GLN A 197 -4.89 -18.96 -30.62
CA GLN A 197 -4.62 -18.88 -32.05
C GLN A 197 -4.60 -20.26 -32.69
N ALA A 198 -4.01 -21.24 -32.02
CA ALA A 198 -3.81 -22.57 -32.61
C ALA A 198 -5.07 -23.39 -32.53
N LEU A 199 -5.81 -23.22 -31.44
CA LEU A 199 -6.95 -24.07 -31.14
C LEU A 199 -8.04 -23.80 -32.20
N GLN A 200 -8.02 -22.62 -32.79
CA GLN A 200 -9.05 -22.23 -33.75
C GLN A 200 -8.55 -22.03 -35.18
N GLY A 201 -7.43 -22.68 -35.53
CA GLY A 201 -6.91 -22.61 -36.89
C GLY A 201 -6.03 -21.42 -37.22
N GLU A 202 -6.17 -20.31 -36.50
CA GLU A 202 -5.38 -19.10 -36.84
C GLU A 202 -3.85 -19.33 -36.94
N PRO A 203 -3.15 -18.45 -37.67
CA PRO A 203 -1.69 -18.55 -37.62
C PRO A 203 -1.20 -18.08 -36.26
N LEU A 204 -0.14 -18.74 -35.77
CA LEU A 204 0.66 -18.21 -34.67
C LEU A 204 1.62 -17.17 -35.16
N THR A 205 1.58 -16.00 -34.58
CA THR A 205 2.29 -14.86 -35.12
C THR A 205 3.47 -14.52 -34.22
N VAL A 206 4.65 -14.49 -34.81
CA VAL A 206 5.87 -14.42 -34.04
C VAL A 206 6.67 -13.19 -34.47
N TYR A 207 6.95 -12.30 -33.51
CA TYR A 207 7.49 -10.98 -33.83
C TYR A 207 9.00 -11.09 -33.98
N GLY A 208 9.56 -10.36 -34.94
CA GLY A 208 10.99 -10.43 -35.24
C GLY A 208 11.38 -11.86 -35.57
N SER A 209 12.29 -12.43 -34.78
CA SER A 209 12.58 -13.87 -34.88
C SER A 209 12.11 -14.72 -33.69
N GLY A 210 11.43 -14.12 -32.75
CA GLY A 210 10.84 -14.90 -31.68
C GLY A 210 11.88 -15.16 -30.62
N SER A 211 12.86 -14.26 -30.58
CA SER A 211 14.11 -14.45 -29.80
C SER A 211 14.06 -13.97 -28.36
N GLN A 212 13.10 -13.11 -28.05
CA GLN A 212 12.86 -12.72 -26.68
C GLN A 212 12.43 -13.94 -25.91
N THR A 213 12.73 -13.93 -24.60
CA THR A 213 12.44 -15.07 -23.76
C THR A 213 11.33 -14.76 -22.74
N ARG A 214 10.72 -15.83 -22.23
CA ARG A 214 9.67 -15.74 -21.23
C ARG A 214 9.85 -16.90 -20.28
N ALA A 215 9.57 -16.65 -19.02
CA ALA A 215 9.78 -17.63 -18.00
C ALA A 215 8.42 -17.79 -17.33
N PHE A 216 7.78 -18.94 -17.49
CA PHE A 216 6.50 -19.17 -16.85
C PHE A 216 6.55 -20.42 -15.99
N GLN A 217 5.67 -20.49 -15.01
CA GLN A 217 5.73 -21.56 -14.06
C GLN A 217 4.47 -22.38 -14.22
N TYR A 218 4.63 -23.70 -14.26
CA TYR A 218 3.47 -24.58 -14.33
C TYR A 218 2.71 -24.70 -12.99
N VAL A 219 1.38 -24.70 -13.04
CA VAL A 219 0.60 -24.55 -11.82
C VAL A 219 0.89 -25.58 -10.71
N SER A 220 1.16 -26.83 -11.06
CA SER A 220 1.38 -27.85 -10.06
C SER A 220 2.71 -27.62 -9.33
N ASP A 221 3.68 -27.04 -10.02
CA ASP A 221 4.91 -26.60 -9.37
C ASP A 221 4.66 -25.48 -8.36
N LEU A 222 3.85 -24.50 -8.74
CA LEU A 222 3.37 -23.49 -7.78
C LEU A 222 2.68 -24.14 -6.55
N VAL A 223 1.77 -25.06 -6.81
CA VAL A 223 0.96 -25.59 -5.74
C VAL A 223 1.86 -26.35 -4.76
N ASN A 224 2.84 -27.05 -5.28
CA ASN A 224 3.84 -27.66 -4.40
C ASN A 224 4.61 -26.64 -3.60
N GLY A 225 5.04 -25.56 -4.25
CA GLY A 225 5.68 -24.46 -3.54
C GLY A 225 4.83 -23.97 -2.39
N LEU A 226 3.56 -23.74 -2.66
CA LEU A 226 2.68 -23.15 -1.63
C LEU A 226 2.60 -24.03 -0.39
N VAL A 227 2.39 -25.33 -0.60
CA VAL A 227 2.28 -26.29 0.48
C VAL A 227 3.60 -26.46 1.20
N ALA A 228 4.67 -26.56 0.43
CA ALA A 228 5.98 -26.56 1.06
C ALA A 228 6.17 -25.35 1.98
N LEU A 229 5.71 -24.19 1.54
CA LEU A 229 6.02 -22.95 2.22
C LEU A 229 5.16 -22.83 3.46
N MET A 230 3.86 -23.10 3.28
CA MET A 230 2.91 -23.19 4.40
C MET A 230 3.42 -24.05 5.59
N ASN A 231 3.97 -25.23 5.27
CA ASN A 231 4.45 -26.15 6.28
C ASN A 231 5.91 -25.96 6.67
N SER A 232 6.52 -24.84 6.28
CA SER A 232 7.89 -24.56 6.68
C SER A 232 7.90 -23.60 7.86
N ASN A 233 9.09 -23.24 8.32
CA ASN A 233 9.18 -22.22 9.36
C ASN A 233 9.69 -20.88 8.82
N VAL A 234 9.73 -20.71 7.51
CA VAL A 234 10.16 -19.43 6.96
C VAL A 234 9.00 -18.44 6.93
N SER A 235 9.07 -17.37 7.73
CA SER A 235 7.99 -16.40 7.69
C SER A 235 8.22 -15.15 6.86
N SER A 236 9.45 -14.89 6.41
CA SER A 236 9.72 -13.81 5.48
C SER A 236 9.31 -14.24 4.06
N PRO A 237 9.21 -13.29 3.13
CA PRO A 237 8.60 -13.67 1.85
C PRO A 237 9.50 -14.61 1.06
N VAL A 238 8.87 -15.52 0.33
CA VAL A 238 9.58 -16.40 -0.58
C VAL A 238 9.01 -16.30 -1.99
N ASN A 239 9.88 -15.98 -2.96
CA ASN A 239 9.53 -15.99 -4.38
C ASN A 239 9.20 -17.41 -4.78
N LEU A 240 8.06 -17.63 -5.42
CA LEU A 240 7.78 -18.89 -6.16
C LEU A 240 7.51 -18.65 -7.64
N GLY A 241 8.37 -19.21 -8.47
CA GLY A 241 8.26 -19.00 -9.90
C GLY A 241 9.24 -19.93 -10.57
N ASN A 242 9.22 -19.91 -11.91
CA ASN A 242 10.19 -20.65 -12.67
C ASN A 242 10.99 -19.74 -13.57
N PRO A 243 12.28 -19.54 -13.24
CA PRO A 243 13.18 -18.64 -13.95
C PRO A 243 13.80 -19.19 -15.24
N GLU A 244 13.48 -20.42 -15.64
CA GLU A 244 14.01 -20.97 -16.90
C GLU A 244 13.47 -20.20 -18.12
N GLU A 245 14.37 -19.69 -18.96
CA GLU A 245 13.96 -18.93 -20.13
C GLU A 245 13.69 -19.82 -21.33
N HIS A 246 12.54 -19.62 -21.97
CA HIS A 246 12.31 -20.17 -23.30
C HIS A 246 12.02 -19.03 -24.25
N THR A 247 12.59 -19.08 -25.45
CA THR A 247 12.26 -18.09 -26.46
C THR A 247 10.78 -18.13 -26.82
N ILE A 248 10.25 -16.99 -27.28
CA ILE A 248 8.88 -16.93 -27.77
C ILE A 248 8.66 -17.92 -28.91
N LEU A 249 9.66 -18.04 -29.78
CA LEU A 249 9.62 -18.99 -30.87
C LEU A 249 9.38 -20.42 -30.35
N GLU A 250 10.11 -20.77 -29.30
CA GLU A 250 9.95 -22.09 -28.77
C GLU A 250 8.55 -22.36 -28.21
N PHE A 251 7.89 -21.33 -27.68
CA PHE A 251 6.51 -21.49 -27.24
C PHE A 251 5.60 -21.73 -28.43
N ALA A 252 5.82 -21.00 -29.52
CA ALA A 252 5.01 -21.16 -30.72
C ALA A 252 5.13 -22.62 -31.18
N GLN A 253 6.37 -23.07 -31.28
CA GLN A 253 6.65 -24.42 -31.76
C GLN A 253 5.96 -25.48 -30.92
N LEU A 254 6.12 -25.40 -29.61
CA LEU A 254 5.56 -26.42 -28.75
C LEU A 254 4.06 -26.39 -28.82
N ILE A 255 3.49 -25.18 -28.87
CA ILE A 255 2.04 -25.13 -28.84
C ILE A 255 1.46 -25.59 -30.19
N LYS A 256 2.11 -25.21 -31.29
CA LYS A 256 1.75 -25.74 -32.59
C LYS A 256 1.66 -27.26 -32.59
N ASN A 257 2.76 -27.95 -32.31
CA ASN A 257 2.78 -29.43 -32.19
C ASN A 257 1.72 -30.02 -31.32
N LEU A 258 1.52 -29.46 -30.14
CA LEU A 258 0.68 -30.11 -29.17
C LEU A 258 -0.80 -29.91 -29.47
N VAL A 259 -1.14 -28.85 -30.18
CA VAL A 259 -2.53 -28.61 -30.54
C VAL A 259 -2.84 -29.45 -31.78
N GLY A 260 -1.90 -29.45 -32.72
CA GLY A 260 -1.98 -30.32 -33.90
C GLY A 260 -3.06 -29.91 -34.89
N SER A 261 -3.38 -28.62 -34.88
CA SER A 261 -4.42 -28.09 -35.75
C SER A 261 -3.89 -27.66 -37.13
N GLY A 262 -2.67 -28.08 -37.46
CA GLY A 262 -1.96 -27.51 -38.61
C GLY A 262 -2.22 -26.01 -38.84
N SER A 263 -2.16 -25.22 -37.77
CA SER A 263 -1.92 -23.77 -37.86
C SER A 263 -0.51 -23.57 -38.32
N GLU A 264 -0.24 -22.49 -39.04
CA GLU A 264 1.14 -22.12 -39.40
C GLU A 264 1.72 -21.15 -38.39
N ILE A 265 3.03 -21.20 -38.20
CA ILE A 265 3.75 -20.14 -37.49
C ILE A 265 4.24 -19.12 -38.50
N GLN A 266 4.05 -17.84 -38.23
CA GLN A 266 4.58 -16.87 -39.16
C GLN A 266 5.26 -15.71 -38.50
N PHE A 267 6.35 -15.26 -39.11
CA PHE A 267 7.11 -14.16 -38.57
C PHE A 267 6.71 -12.82 -39.14
N LEU A 268 6.78 -11.79 -38.30
CA LEU A 268 6.82 -10.41 -38.74
C LEU A 268 8.21 -9.88 -38.47
N SER A 269 9.08 -9.99 -39.44
CA SER A 269 10.50 -9.79 -39.20
C SER A 269 10.79 -8.36 -38.76
N GLU A 270 9.91 -7.42 -39.13
CA GLU A 270 10.10 -6.02 -38.76
C GLU A 270 9.57 -5.70 -37.34
N ALA A 271 8.82 -6.64 -36.76
CA ALA A 271 8.19 -6.46 -35.44
C ALA A 271 9.14 -6.91 -34.34
N GLN A 272 8.68 -6.85 -33.08
CA GLN A 272 9.61 -6.94 -31.95
C GLN A 272 8.92 -7.43 -30.72
N ASP A 273 9.65 -7.99 -29.78
CA ASP A 273 9.08 -8.28 -28.47
C ASP A 273 9.78 -7.48 -27.37
N ASP A 274 9.00 -7.13 -26.35
CA ASP A 274 9.55 -6.63 -25.09
C ASP A 274 10.23 -7.76 -24.31
N PRO A 275 11.42 -7.46 -23.75
CA PRO A 275 12.04 -8.38 -22.78
C PRO A 275 11.10 -8.52 -21.60
N GLN A 276 11.05 -9.69 -20.98
CA GLN A 276 10.17 -9.83 -19.80
C GLN A 276 10.64 -8.89 -18.71
N LYS A 277 9.67 -8.32 -18.00
CA LYS A 277 9.93 -7.28 -17.06
C LYS A 277 10.60 -7.86 -15.79
N ARG A 278 10.02 -8.92 -15.26
CA ARG A 278 10.51 -9.46 -13.99
C ARG A 278 11.03 -10.83 -14.23
N LYS A 279 12.02 -11.21 -13.41
CA LYS A 279 12.64 -12.54 -13.42
C LYS A 279 13.02 -12.96 -11.99
N PRO A 280 12.37 -14.00 -11.45
CA PRO A 280 12.48 -14.35 -10.04
C PRO A 280 13.81 -15.02 -9.72
N ASP A 281 14.50 -14.54 -8.68
CA ASP A 281 15.49 -15.38 -7.96
C ASP A 281 14.76 -16.35 -7.03
N ILE A 282 14.98 -17.65 -7.20
CA ILE A 282 14.27 -18.65 -6.37
C ILE A 282 15.21 -19.45 -5.48
N LYS A 283 16.41 -18.95 -5.29
CA LYS A 283 17.41 -19.68 -4.53
C LYS A 283 17.02 -19.83 -3.06
N LYS A 284 16.34 -18.82 -2.52
CA LYS A 284 15.85 -18.88 -1.18
C LYS A 284 14.84 -20.01 -1.02
N ALA A 285 14.04 -20.25 -2.03
CA ALA A 285 13.08 -21.37 -1.98
C ALA A 285 13.75 -22.75 -2.07
N LYS A 286 14.81 -22.86 -2.89
CA LYS A 286 15.61 -24.09 -2.94
C LYS A 286 16.18 -24.36 -1.54
N LEU A 287 16.96 -23.42 -1.05
CA LEU A 287 17.62 -23.50 0.22
C LEU A 287 16.66 -23.81 1.39
N MET A 288 15.54 -23.10 1.50
CA MET A 288 14.78 -23.18 2.75
C MET A 288 13.66 -24.20 2.64
N LEU A 289 13.25 -24.57 1.43
CA LEU A 289 12.05 -25.41 1.29
C LEU A 289 12.38 -26.73 0.60
N GLY A 290 13.59 -26.84 0.08
CA GLY A 290 13.95 -27.90 -0.84
C GLY A 290 13.11 -27.90 -2.12
N TRP A 291 12.48 -26.79 -2.47
CA TRP A 291 11.59 -26.79 -3.65
C TRP A 291 12.25 -26.20 -4.89
N GLU A 292 12.02 -26.87 -6.03
CA GLU A 292 12.20 -26.25 -7.33
C GLU A 292 11.06 -26.64 -8.27
N PRO A 293 10.87 -25.87 -9.35
CA PRO A 293 9.94 -26.32 -10.41
C PRO A 293 10.45 -27.62 -11.04
N VAL A 294 9.61 -28.66 -11.12
CA VAL A 294 10.05 -29.92 -11.73
C VAL A 294 9.32 -30.32 -13.03
N VAL A 295 8.25 -29.61 -13.37
CA VAL A 295 7.54 -29.89 -14.60
C VAL A 295 8.16 -29.22 -15.81
N PRO A 296 8.60 -30.04 -16.79
CA PRO A 296 9.18 -29.45 -18.00
C PRO A 296 8.13 -28.68 -18.81
N LEU A 297 8.58 -27.61 -19.47
CA LEU A 297 7.68 -26.73 -20.23
C LEU A 297 6.73 -27.47 -21.18
N GLU A 298 7.29 -28.42 -21.95
CA GLU A 298 6.49 -29.18 -22.91
C GLU A 298 5.37 -29.95 -22.20
N GLU A 299 5.70 -30.51 -21.04
CA GLU A 299 4.73 -31.31 -20.33
C GLU A 299 3.58 -30.43 -19.82
N GLY A 300 3.90 -29.27 -19.25
CA GLY A 300 2.86 -28.39 -18.73
C GLY A 300 1.99 -27.79 -19.82
N LEU A 301 2.61 -27.44 -20.93
CA LEU A 301 1.85 -26.96 -22.09
C LEU A 301 0.87 -28.04 -22.56
N ASN A 302 1.32 -29.27 -22.62
CA ASN A 302 0.45 -30.35 -23.01
C ASN A 302 -0.74 -30.50 -22.08
N LYS A 303 -0.50 -30.66 -20.79
CA LYS A 303 -1.61 -30.75 -19.83
C LYS A 303 -2.56 -29.55 -19.93
N ALA A 304 -2.00 -28.38 -20.20
CA ALA A 304 -2.81 -27.20 -20.37
C ALA A 304 -3.66 -27.31 -21.63
N ILE A 305 -3.01 -27.67 -22.73
CA ILE A 305 -3.69 -27.67 -24.01
C ILE A 305 -4.80 -28.72 -23.95
N HIS A 306 -4.46 -29.85 -23.33
CA HIS A 306 -5.44 -30.92 -23.13
C HIS A 306 -6.69 -30.37 -22.47
N TYR A 307 -6.51 -29.64 -21.37
CA TYR A 307 -7.64 -28.92 -20.76
C TYR A 307 -8.42 -28.07 -21.77
N PHE A 308 -7.75 -27.15 -22.45
CA PHE A 308 -8.46 -26.20 -23.31
C PHE A 308 -9.05 -26.80 -24.59
N ARG A 309 -8.44 -27.88 -25.10
CA ARG A 309 -8.88 -28.48 -26.35
C ARG A 309 -10.29 -28.94 -26.11
N LYS A 310 -10.45 -29.84 -25.15
CA LYS A 310 -11.79 -30.22 -24.70
C LYS A 310 -12.49 -29.20 -23.77
N GLU A 311 -12.71 -27.99 -24.28
CA GLU A 311 -13.32 -26.94 -23.50
C GLU A 311 -13.92 -25.85 -24.40
N ARG B 5 -21.40 29.85 3.88
CA ARG B 5 -20.74 29.32 2.65
C ARG B 5 -20.71 27.79 2.63
N LYS B 6 -19.51 27.21 2.68
CA LYS B 6 -19.37 25.76 2.50
C LYS B 6 -19.63 25.02 3.79
N ARG B 7 -20.24 23.85 3.70
CA ARG B 7 -20.23 22.94 4.83
C ARG B 7 -19.03 22.03 4.68
N ILE B 8 -18.31 21.80 5.78
CA ILE B 8 -16.97 21.19 5.73
C ILE B 8 -16.76 20.15 6.82
N LEU B 9 -16.40 18.93 6.45
CA LEU B 9 -15.98 17.93 7.45
C LEU B 9 -14.46 17.91 7.58
N ILE B 10 -13.96 17.93 8.81
CA ILE B 10 -12.53 17.73 9.03
C ILE B 10 -12.34 16.58 9.96
N THR B 11 -11.89 15.44 9.40
CA THR B 11 -11.50 14.33 10.24
C THR B 11 -10.12 14.62 10.79
N GLY B 12 -9.88 14.21 12.04
CA GLY B 12 -8.70 14.60 12.78
C GLY B 12 -8.65 16.09 13.02
N GLY B 13 -9.83 16.72 13.03
CA GLY B 13 -9.93 18.16 13.31
C GLY B 13 -9.39 18.70 14.65
N ALA B 14 -9.22 17.84 15.65
CA ALA B 14 -8.84 18.25 16.98
C ALA B 14 -7.36 18.04 17.26
N GLY B 15 -6.62 17.52 16.27
CA GLY B 15 -5.17 17.39 16.42
C GLY B 15 -4.41 18.65 15.98
N PHE B 16 -3.09 18.51 15.88
CA PHE B 16 -2.20 19.62 15.64
C PHE B 16 -2.61 20.39 14.37
N VAL B 17 -2.37 19.80 13.19
CA VAL B 17 -2.70 20.47 11.93
C VAL B 17 -4.19 20.73 11.81
N GLY B 18 -5.00 19.78 12.28
CA GLY B 18 -6.44 19.86 12.11
C GLY B 18 -7.06 21.06 12.78
N SER B 19 -6.61 21.36 13.99
CA SER B 19 -7.26 22.42 14.77
C SER B 19 -6.95 23.81 14.20
N HIS B 20 -5.75 23.99 13.65
CA HIS B 20 -5.46 25.24 12.92
C HIS B 20 -6.30 25.35 11.66
N LEU B 21 -6.42 24.26 10.91
CA LEU B 21 -7.35 24.24 9.78
C LEU B 21 -8.76 24.66 10.21
N THR B 22 -9.26 24.06 11.30
CA THR B 22 -10.52 24.46 11.91
C THR B 22 -10.56 25.98 12.16
N ASP B 23 -9.55 26.49 12.86
CA ASP B 23 -9.43 27.93 13.11
C ASP B 23 -9.63 28.71 11.82
N LYS B 24 -8.75 28.49 10.85
CA LYS B 24 -8.80 29.31 9.66
C LYS B 24 -10.17 29.28 9.01
N LEU B 25 -10.80 28.10 8.96
CA LEU B 25 -12.02 27.92 8.18
C LEU B 25 -13.24 28.50 8.89
N MET B 26 -13.29 28.36 10.21
CA MET B 26 -14.34 29.00 11.01
C MET B 26 -14.28 30.50 10.78
N MET B 27 -13.09 31.06 10.95
CA MET B 27 -12.88 32.49 10.72
C MET B 27 -13.32 32.98 9.35
N ASP B 28 -13.45 32.08 8.39
CA ASP B 28 -13.87 32.48 7.05
C ASP B 28 -15.37 32.31 6.89
N GLY B 29 -16.03 31.87 7.95
CA GLY B 29 -17.49 31.82 8.01
C GLY B 29 -18.13 30.54 7.48
N HIS B 30 -17.37 29.46 7.41
CA HIS B 30 -17.92 28.18 6.91
C HIS B 30 -18.56 27.42 8.02
N GLU B 31 -19.37 26.44 7.66
CA GLU B 31 -19.88 25.50 8.63
C GLU B 31 -18.91 24.32 8.80
N VAL B 32 -18.30 24.21 9.98
CA VAL B 32 -17.20 23.31 10.17
C VAL B 32 -17.59 22.24 11.18
N THR B 33 -17.44 20.98 10.77
CA THR B 33 -17.65 19.88 11.68
C THR B 33 -16.35 19.13 11.81
N VAL B 34 -15.99 18.85 13.04
CA VAL B 34 -14.80 18.09 13.32
C VAL B 34 -15.24 16.71 13.75
N VAL B 35 -14.67 15.71 13.08
CA VAL B 35 -14.73 14.34 13.59
C VAL B 35 -13.34 13.96 14.09
N ASP B 36 -13.30 13.22 15.19
CA ASP B 36 -12.06 12.89 15.91
C ASP B 36 -12.41 11.92 17.03
N ASN B 37 -11.58 10.89 17.24
CA ASN B 37 -11.79 9.92 18.29
C ASN B 37 -10.85 10.19 19.48
N PHE B 38 -10.13 11.32 19.40
CA PHE B 38 -9.19 11.77 20.43
C PHE B 38 -8.06 10.83 20.80
N PHE B 39 -7.65 9.93 19.91
CA PHE B 39 -6.48 9.12 20.23
C PHE B 39 -5.28 10.00 20.45
N THR B 40 -5.14 11.05 19.68
CA THR B 40 -4.04 11.96 19.82
C THR B 40 -4.50 13.37 19.80
N GLY B 41 -5.78 13.57 19.69
CA GLY B 41 -6.32 14.91 19.66
C GLY B 41 -6.86 15.35 20.99
N ARG B 42 -7.09 16.64 21.13
CA ARG B 42 -7.49 17.22 22.39
C ARG B 42 -8.58 18.22 22.19
N LYS B 43 -9.60 18.17 23.03
CA LYS B 43 -10.67 19.15 23.00
C LYS B 43 -10.15 20.55 23.19
N ARG B 44 -9.15 20.71 24.02
CA ARG B 44 -8.60 22.02 24.24
C ARG B 44 -8.26 22.67 22.94
N ASN B 45 -8.03 21.88 21.91
CA ASN B 45 -7.55 22.42 20.66
C ASN B 45 -8.58 23.17 19.90
N VAL B 46 -9.85 22.92 20.21
CA VAL B 46 -10.94 23.60 19.53
C VAL B 46 -12.02 24.18 20.45
N GLU B 47 -11.79 24.15 21.78
CA GLU B 47 -12.70 24.70 22.81
C GLU B 47 -13.12 26.09 22.37
N HIS B 48 -12.22 26.86 21.78
CA HIS B 48 -12.61 28.23 21.40
C HIS B 48 -13.83 28.29 20.50
N TRP B 49 -14.16 27.18 19.86
CA TRP B 49 -15.28 27.19 18.92
C TRP B 49 -16.49 26.49 19.42
N ILE B 50 -16.30 25.69 20.45
CA ILE B 50 -17.41 24.95 20.99
C ILE B 50 -18.46 25.95 21.43
N GLY B 51 -19.60 25.91 20.75
CA GLY B 51 -20.69 26.75 21.15
C GLY B 51 -21.20 27.55 20.01
N HIS B 52 -20.30 28.08 19.21
CA HIS B 52 -20.66 28.88 18.06
C HIS B 52 -21.66 28.16 17.24
N GLU B 53 -22.55 28.87 16.60
CA GLU B 53 -23.60 28.18 15.85
C GLU B 53 -23.00 27.27 14.77
N ASN B 54 -21.99 27.77 14.08
CA ASN B 54 -21.48 27.14 12.86
C ASN B 54 -20.57 25.93 13.05
N PHE B 55 -20.31 25.57 14.30
CA PHE B 55 -19.34 24.53 14.61
C PHE B 55 -20.01 23.33 15.25
N GLU B 56 -19.57 22.13 14.89
CA GLU B 56 -19.90 20.94 15.68
C GLU B 56 -18.69 20.05 15.88
N LEU B 57 -18.48 19.64 17.12
CA LEU B 57 -17.55 18.58 17.44
C LEU B 57 -18.25 17.23 17.56
N ILE B 58 -17.86 16.25 16.74
CA ILE B 58 -18.37 14.90 16.88
C ILE B 58 -17.28 13.91 17.25
N ASN B 59 -17.53 13.13 18.29
CA ASN B 59 -16.59 12.13 18.70
C ASN B 59 -16.86 10.84 17.95
N HIS B 60 -15.98 10.50 17.01
CA HIS B 60 -16.26 9.42 16.07
C HIS B 60 -14.96 8.83 15.49
N ASP B 61 -14.86 7.51 15.52
CA ASP B 61 -13.81 6.81 14.82
C ASP B 61 -14.10 6.55 13.32
N VAL B 62 -13.18 6.95 12.45
CA VAL B 62 -13.42 6.87 11.00
C VAL B 62 -13.40 5.45 10.43
N VAL B 63 -12.93 4.46 11.20
CA VAL B 63 -13.10 3.07 10.78
C VAL B 63 -14.56 2.64 10.83
N GLU B 64 -15.42 3.54 11.31
CA GLU B 64 -16.87 3.32 11.36
C GLU B 64 -17.51 4.24 10.38
N PRO B 65 -18.46 3.73 9.59
CA PRO B 65 -19.06 4.58 8.57
C PRO B 65 -19.76 5.79 9.16
N LEU B 66 -19.87 6.83 8.37
CA LEU B 66 -20.32 8.10 8.85
C LEU B 66 -21.17 8.75 7.78
N TYR B 67 -22.30 9.27 8.17
CA TYR B 67 -23.16 9.93 7.24
C TYR B 67 -23.38 11.34 7.70
N ILE B 68 -22.91 12.28 6.89
CA ILE B 68 -23.11 13.68 7.17
C ILE B 68 -23.17 14.36 5.82
N GLU B 69 -23.89 15.46 5.74
CA GLU B 69 -24.05 16.21 4.52
C GLU B 69 -23.05 17.36 4.52
N VAL B 70 -22.06 17.30 3.65
CA VAL B 70 -21.08 18.36 3.59
C VAL B 70 -20.65 18.51 2.16
N ASP B 71 -20.02 19.65 1.86
CA ASP B 71 -19.51 19.94 0.53
C ASP B 71 -18.02 19.55 0.35
N GLN B 72 -17.29 19.47 1.47
CA GLN B 72 -15.85 19.25 1.42
C GLN B 72 -15.48 18.45 2.64
N ILE B 73 -14.58 17.49 2.43
CA ILE B 73 -14.01 16.70 3.53
C ILE B 73 -12.50 16.85 3.49
N TYR B 74 -11.93 17.38 4.56
CA TYR B 74 -10.48 17.28 4.75
C TYR B 74 -10.21 16.07 5.63
N HIS B 75 -9.61 15.06 5.04
CA HIS B 75 -9.44 13.81 5.74
C HIS B 75 -8.04 13.80 6.35
N LEU B 76 -7.97 14.21 7.62
CA LEU B 76 -6.70 14.28 8.32
C LEU B 76 -6.59 13.23 9.41
N ALA B 77 -7.64 12.43 9.60
CA ALA B 77 -7.66 11.49 10.72
C ALA B 77 -6.64 10.42 10.48
N SER B 78 -5.48 10.56 11.09
CA SER B 78 -4.43 9.55 11.07
C SER B 78 -3.39 9.91 12.11
N PRO B 79 -2.84 8.92 12.82
CA PRO B 79 -1.53 9.25 13.45
C PRO B 79 -0.53 9.82 12.43
N ALA B 80 0.22 10.84 12.78
CA ALA B 80 1.46 11.13 12.07
C ALA B 80 2.57 10.41 12.80
N SER B 81 3.68 10.14 12.15
CA SER B 81 4.65 9.35 12.89
C SER B 81 5.61 10.16 13.75
N PRO B 82 5.83 9.71 14.98
CA PRO B 82 5.18 8.51 15.50
C PRO B 82 4.55 8.74 16.86
N ASN B 88 -0.06 1.39 18.49
CA ASN B 88 -0.82 0.37 17.73
C ASN B 88 -0.68 0.27 16.18
N PRO B 89 0.20 -0.58 15.70
CA PRO B 89 0.41 -0.63 14.26
C PRO B 89 -0.81 -1.11 13.49
N ILE B 90 -1.50 -2.11 14.01
CA ILE B 90 -2.69 -2.60 13.35
C ILE B 90 -3.77 -1.50 13.26
N LYS B 91 -3.93 -0.70 14.31
CA LYS B 91 -4.95 0.34 14.28
C LYS B 91 -4.58 1.42 13.26
N THR B 92 -3.27 1.60 13.07
CA THR B 92 -2.78 2.53 12.06
C THR B 92 -3.14 2.05 10.66
N LEU B 93 -2.85 0.78 10.37
CA LEU B 93 -3.34 0.16 9.15
C LEU B 93 -4.83 0.34 8.88
N LYS B 94 -5.66 -0.17 9.78
CA LYS B 94 -7.13 -0.04 9.67
C LYS B 94 -7.52 1.39 9.38
N THR B 95 -6.94 2.33 10.14
CA THR B 95 -7.35 3.72 10.04
C THR B 95 -7.10 4.28 8.65
N ASN B 96 -5.93 4.00 8.11
CA ASN B 96 -5.58 4.51 6.79
C ASN B 96 -6.26 3.76 5.63
N THR B 97 -6.66 2.50 5.85
CA THR B 97 -7.38 1.74 4.85
C THR B 97 -8.88 1.89 5.04
N ILE B 98 -9.49 1.08 5.93
CA ILE B 98 -10.91 1.19 6.26
C ILE B 98 -11.34 2.66 6.33
N GLY B 99 -10.54 3.47 7.05
CA GLY B 99 -10.88 4.87 7.31
C GLY B 99 -11.05 5.69 6.04
N THR B 100 -10.15 5.49 5.09
CA THR B 100 -10.15 6.27 3.86
C THR B 100 -11.27 5.79 2.95
N LEU B 101 -11.43 4.48 2.84
CA LEU B 101 -12.56 3.90 2.13
C LEU B 101 -13.86 4.49 2.66
N ASN B 102 -14.02 4.52 3.98
CA ASN B 102 -15.24 5.09 4.57
C ASN B 102 -15.50 6.54 4.16
N MET B 103 -14.46 7.38 4.27
CA MET B 103 -14.61 8.78 3.93
C MET B 103 -14.81 9.01 2.43
N LEU B 104 -14.26 8.12 1.59
CA LEU B 104 -14.48 8.28 0.16
C LEU B 104 -15.90 7.81 -0.22
N GLY B 105 -16.33 6.70 0.38
CA GLY B 105 -17.72 6.25 0.36
C GLY B 105 -18.67 7.40 0.70
N LEU B 106 -18.43 8.08 1.83
CA LEU B 106 -19.29 9.19 2.26
C LEU B 106 -19.30 10.30 1.22
N ALA B 107 -18.11 10.64 0.73
CA ALA B 107 -17.96 11.65 -0.31
C ALA B 107 -18.72 11.26 -1.59
N LYS B 108 -18.74 9.98 -1.91
CA LYS B 108 -19.50 9.50 -3.04
C LYS B 108 -20.97 9.76 -2.77
N ARG B 109 -21.44 9.30 -1.62
CA ARG B 109 -22.84 9.42 -1.25
C ARG B 109 -23.38 10.86 -1.30
N VAL B 110 -22.63 11.82 -0.79
CA VAL B 110 -23.18 13.17 -0.63
C VAL B 110 -22.57 14.18 -1.60
N GLY B 111 -21.76 13.72 -2.54
CA GLY B 111 -21.18 14.63 -3.54
C GLY B 111 -20.17 15.62 -2.98
N ALA B 112 -19.32 15.16 -2.06
CA ALA B 112 -18.30 16.03 -1.44
C ALA B 112 -16.95 15.88 -2.12
N ARG B 113 -16.22 16.98 -2.19
CA ARG B 113 -14.81 16.94 -2.58
C ARG B 113 -13.94 16.51 -1.37
N LEU B 114 -12.97 15.62 -1.61
CA LEU B 114 -12.21 15.01 -0.49
C LEU B 114 -10.75 15.31 -0.66
N LEU B 115 -10.16 15.96 0.34
CA LEU B 115 -8.71 16.11 0.41
C LEU B 115 -8.05 15.07 1.33
N LEU B 116 -7.05 14.37 0.79
CA LEU B 116 -6.33 13.41 1.60
C LEU B 116 -5.05 14.05 2.09
N ALA B 117 -4.84 13.99 3.39
CA ALA B 117 -3.58 14.41 4.01
C ALA B 117 -2.59 13.26 3.97
N SER B 118 -1.80 13.21 2.90
CA SER B 118 -0.78 12.21 2.77
C SER B 118 0.52 12.80 3.31
N THR B 119 1.65 12.20 2.97
CA THR B 119 2.84 12.39 3.78
C THR B 119 4.03 12.14 2.87
N SER B 120 5.13 12.82 3.12
CA SER B 120 6.38 12.58 2.37
C SER B 120 6.90 11.13 2.47
N GLU B 121 6.42 10.39 3.44
CA GLU B 121 6.85 9.01 3.61
C GLU B 121 6.44 8.07 2.46
N VAL B 122 5.51 8.49 1.60
CA VAL B 122 5.20 7.66 0.46
C VAL B 122 6.45 7.53 -0.41
N TYR B 123 7.40 8.47 -0.27
CA TYR B 123 8.67 8.39 -1.04
C TYR B 123 9.68 7.44 -0.38
N GLY B 124 9.38 7.02 0.85
CA GLY B 124 10.26 6.08 1.54
C GLY B 124 11.67 6.61 1.75
N ASP B 125 12.67 5.80 1.46
CA ASP B 125 14.03 6.26 1.55
C ASP B 125 14.50 6.61 0.13
N PRO B 126 14.44 7.89 -0.24
CA PRO B 126 14.37 8.20 -1.68
C PRO B 126 15.71 8.00 -2.37
N GLU B 127 15.66 7.68 -3.63
CA GLU B 127 16.88 7.50 -4.40
C GLU B 127 17.00 8.53 -5.53
N VAL B 128 16.14 9.55 -5.49
CA VAL B 128 16.36 10.80 -6.22
C VAL B 128 16.19 11.92 -5.21
N HIS B 129 16.82 13.06 -5.49
CA HIS B 129 16.81 14.22 -4.60
C HIS B 129 16.76 15.52 -5.45
N PRO B 130 15.91 16.47 -5.09
CA PRO B 130 14.83 16.38 -4.10
C PRO B 130 13.73 15.45 -4.63
N GLN B 131 12.65 15.25 -3.86
CA GLN B 131 11.53 14.42 -4.36
C GLN B 131 10.38 15.24 -4.89
N SER B 132 10.14 15.10 -6.17
CA SER B 132 8.94 15.64 -6.77
C SER B 132 7.84 14.57 -6.99
N GLU B 133 6.64 15.03 -7.34
CA GLU B 133 5.45 14.24 -7.21
C GLU B 133 5.39 13.01 -8.12
N ASP B 134 6.15 12.99 -9.21
CA ASP B 134 6.11 11.83 -10.08
C ASP B 134 7.20 10.83 -9.75
N TYR B 135 7.97 11.07 -8.68
CA TYR B 135 8.79 10.01 -8.11
C TYR B 135 7.87 8.97 -7.46
N TRP B 136 8.10 7.69 -7.78
CA TRP B 136 7.27 6.61 -7.27
C TRP B 136 7.64 6.17 -5.85
N GLY B 137 8.84 6.56 -5.39
CA GLY B 137 9.30 6.28 -4.04
C GLY B 137 10.03 4.94 -3.91
N HIS B 138 10.70 4.75 -2.79
CA HIS B 138 11.47 3.55 -2.54
C HIS B 138 11.14 3.14 -1.10
N VAL B 139 10.12 2.30 -0.95
CA VAL B 139 9.45 2.06 0.35
C VAL B 139 9.51 0.57 0.67
N ASN B 140 9.93 0.23 1.87
CA ASN B 140 9.96 -1.15 2.29
C ASN B 140 8.54 -1.60 2.67
N PRO B 141 7.91 -2.48 1.89
CA PRO B 141 6.50 -2.81 2.24
C PRO B 141 6.39 -3.63 3.52
N ILE B 142 7.50 -4.14 4.01
CA ILE B 142 7.43 -4.97 5.20
C ILE B 142 8.44 -4.52 6.25
N GLY B 143 8.81 -3.23 6.27
CA GLY B 143 9.75 -2.70 7.25
C GLY B 143 9.10 -2.26 8.55
N PRO B 144 9.91 -1.82 9.51
CA PRO B 144 9.42 -1.54 10.85
C PRO B 144 8.33 -0.47 10.88
N ARG B 145 8.22 0.30 9.82
CA ARG B 145 7.29 1.42 9.72
C ARG B 145 6.26 1.34 8.55
N ALA B 146 6.23 0.19 7.89
CA ALA B 146 5.40 0.00 6.70
C ALA B 146 3.92 0.28 6.95
N CYS B 147 3.44 -0.03 8.14
CA CYS B 147 2.02 0.10 8.39
C CYS B 147 1.61 1.56 8.44
N TYR B 148 2.58 2.46 8.53
CA TYR B 148 2.31 3.84 8.22
C TYR B 148 2.58 4.18 6.72
N ASP B 149 3.77 3.84 6.23
CA ASP B 149 4.17 4.22 4.87
C ASP B 149 3.32 3.53 3.79
N GLU B 150 3.12 2.22 3.92
CA GLU B 150 2.27 1.49 2.96
C GLU B 150 0.82 1.84 3.09
N GLY B 151 0.34 2.06 4.33
CA GLY B 151 -1.02 2.53 4.57
C GLY B 151 -1.32 3.87 3.92
N LYS B 152 -0.40 4.84 4.00
CA LYS B 152 -0.66 6.12 3.33
C LYS B 152 -0.53 5.98 1.81
N ARG B 153 0.42 5.16 1.38
CA ARG B 153 0.53 4.92 -0.07
C ARG B 153 -0.80 4.39 -0.64
N VAL B 154 -1.36 3.36 -0.03
CA VAL B 154 -2.56 2.76 -0.55
C VAL B 154 -3.81 3.64 -0.34
N ALA B 155 -3.78 4.49 0.67
CA ALA B 155 -4.82 5.51 0.82
C ALA B 155 -4.91 6.40 -0.42
N GLU B 156 -3.74 6.80 -0.95
CA GLU B 156 -3.66 7.47 -2.25
C GLU B 156 -4.29 6.64 -3.36
N THR B 157 -3.93 5.36 -3.45
CA THR B 157 -4.44 4.49 -4.53
C THR B 157 -5.95 4.54 -4.46
N MET B 158 -6.48 4.42 -3.24
CA MET B 158 -7.90 4.56 -3.02
C MET B 158 -8.55 5.86 -3.57
N CYS B 159 -7.98 7.02 -3.24
CA CYS B 159 -8.52 8.23 -3.78
C CYS B 159 -8.58 8.19 -5.28
N TYR B 160 -7.49 7.76 -5.92
CA TYR B 160 -7.47 7.76 -7.37
C TYR B 160 -8.46 6.79 -7.99
N ALA B 161 -8.74 5.71 -7.29
CA ALA B 161 -9.64 4.73 -7.81
C ALA B 161 -11.06 5.24 -7.75
N TYR B 162 -11.42 5.86 -6.63
CA TYR B 162 -12.75 6.49 -6.49
C TYR B 162 -12.95 7.66 -7.44
N MET B 163 -11.88 8.40 -7.70
CA MET B 163 -11.94 9.41 -8.75
C MET B 163 -12.12 8.83 -10.17
N LYS B 164 -11.22 7.93 -10.59
CA LYS B 164 -11.23 7.43 -11.95
C LYS B 164 -12.53 6.70 -12.21
N GLN B 165 -13.03 5.94 -11.24
CA GLN B 165 -14.06 4.96 -11.50
C GLN B 165 -15.41 5.52 -11.13
N GLU B 166 -15.48 6.40 -10.15
CA GLU B 166 -16.78 6.75 -9.54
C GLU B 166 -17.04 8.26 -9.59
N GLY B 167 -16.10 9.03 -10.12
CA GLY B 167 -16.24 10.49 -10.27
C GLY B 167 -16.12 11.31 -9.00
N VAL B 168 -15.55 10.76 -7.93
CA VAL B 168 -15.34 11.54 -6.69
C VAL B 168 -14.25 12.59 -6.95
N GLU B 169 -14.46 13.84 -6.56
CA GLU B 169 -13.39 14.84 -6.69
C GLU B 169 -12.42 14.68 -5.54
N VAL B 170 -11.18 14.34 -5.87
CA VAL B 170 -10.18 14.12 -4.84
C VAL B 170 -9.02 15.10 -4.93
N ARG B 171 -8.46 15.44 -3.78
CA ARG B 171 -7.21 16.21 -3.73
C ARG B 171 -6.25 15.44 -2.81
N VAL B 172 -4.97 15.43 -3.14
CA VAL B 172 -3.98 14.71 -2.39
C VAL B 172 -2.76 15.58 -2.02
N ALA B 173 -2.59 15.86 -0.73
CA ALA B 173 -1.43 16.64 -0.25
C ALA B 173 -0.36 15.75 0.39
N ARG B 174 0.84 15.84 -0.14
CA ARG B 174 1.93 15.11 0.45
C ARG B 174 2.67 16.00 1.45
N ILE B 175 2.39 15.79 2.72
CA ILE B 175 2.82 16.71 3.73
C ILE B 175 4.24 16.37 4.22
N PHE B 176 5.08 17.38 4.36
CA PHE B 176 6.45 17.21 4.85
C PHE B 176 6.47 17.74 6.28
N ASN B 177 7.61 17.66 6.95
CA ASN B 177 7.63 17.97 8.38
C ASN B 177 7.13 19.37 8.71
N THR B 178 6.33 19.46 9.76
CA THR B 178 5.62 20.68 10.07
C THR B 178 5.78 20.96 11.56
N PHE B 179 5.92 22.22 11.93
CA PHE B 179 6.07 22.57 13.34
C PHE B 179 5.23 23.77 13.70
N GLY B 180 4.95 23.96 14.97
CA GLY B 180 4.20 25.10 15.46
C GLY B 180 3.37 24.84 16.70
N PRO B 181 2.54 25.88 17.06
CA PRO B 181 1.77 25.71 18.26
C PRO B 181 0.84 24.53 18.23
N ARG B 182 0.75 23.64 19.35
CA ARG B 182 -0.19 22.51 19.41
C ARG B 182 0.41 21.23 18.92
N MET B 183 1.65 21.34 18.46
CA MET B 183 2.32 20.19 17.94
C MET B 183 2.68 19.25 19.05
N HIS B 184 2.92 18.00 18.75
CA HIS B 184 3.26 17.07 19.79
C HIS B 184 4.65 17.31 20.25
N MET B 185 4.77 17.84 21.46
CA MET B 185 6.02 18.37 21.98
C MET B 185 7.03 17.25 22.19
N ASN B 186 6.55 16.11 22.63
CA ASN B 186 7.46 15.07 23.01
C ASN B 186 7.69 14.20 21.82
N ASP B 187 8.21 14.86 20.78
CA ASP B 187 8.04 14.44 19.41
C ASP B 187 9.07 13.39 18.99
N GLY B 188 10.23 13.42 19.64
CA GLY B 188 11.44 12.83 19.07
C GLY B 188 12.28 13.90 18.39
N ARG B 189 11.60 14.87 17.76
CA ARG B 189 12.23 15.74 16.77
C ARG B 189 13.27 16.73 17.33
N VAL B 190 14.20 17.14 16.47
CA VAL B 190 15.34 17.94 16.87
C VAL B 190 14.90 19.27 17.41
N VAL B 191 13.92 19.85 16.74
CA VAL B 191 13.41 21.16 17.10
C VAL B 191 12.68 21.12 18.46
N SER B 192 11.82 20.11 18.62
CA SER B 192 11.16 19.83 19.91
C SER B 192 12.10 19.76 21.09
N ASN B 193 13.11 18.90 20.99
CA ASN B 193 14.01 18.67 22.11
C ASN B 193 14.69 19.97 22.50
N PHE B 194 15.18 20.68 21.50
CA PHE B 194 15.87 21.96 21.71
C PHE B 194 14.99 23.00 22.41
N ILE B 195 13.75 23.15 21.93
CA ILE B 195 12.80 24.00 22.67
C ILE B 195 12.58 23.57 24.12
N LEU B 196 12.29 22.29 24.35
CA LEU B 196 12.12 21.83 25.74
C LEU B 196 13.35 22.09 26.59
N GLN B 197 14.52 21.75 26.07
CA GLN B 197 15.75 21.88 26.86
C GLN B 197 16.15 23.34 27.11
N ALA B 198 16.00 24.19 26.10
CA ALA B 198 16.35 25.60 26.27
C ALA B 198 15.48 26.22 27.36
N LEU B 199 14.20 25.89 27.34
CA LEU B 199 13.25 26.50 28.25
C LEU B 199 13.63 26.12 29.68
N GLN B 200 14.38 25.04 29.83
CA GLN B 200 14.69 24.49 31.15
C GLN B 200 16.10 24.83 31.60
N GLY B 201 16.85 25.57 30.77
CA GLY B 201 18.25 25.88 31.07
C GLY B 201 19.20 24.71 30.92
N GLU B 202 18.74 23.60 30.34
CA GLU B 202 19.63 22.47 29.96
C GLU B 202 20.56 22.76 28.77
N PRO B 203 21.77 22.19 28.77
CA PRO B 203 22.54 22.46 27.56
C PRO B 203 21.83 21.85 26.34
N LEU B 204 22.10 22.42 25.17
CA LEU B 204 21.57 21.91 23.96
C LEU B 204 22.74 21.16 23.32
N THR B 205 22.64 19.84 23.20
CA THR B 205 23.76 19.08 22.73
C THR B 205 23.64 18.81 21.27
N VAL B 206 24.71 19.09 20.53
CA VAL B 206 24.71 18.93 19.09
C VAL B 206 25.68 17.84 18.73
N TYR B 207 25.19 16.83 18.03
CA TYR B 207 25.97 15.64 17.71
C TYR B 207 26.91 15.97 16.57
N GLY B 208 28.14 15.48 16.64
CA GLY B 208 29.15 15.69 15.60
C GLY B 208 29.62 17.13 15.47
N SER B 209 29.39 17.73 14.32
CA SER B 209 29.51 19.18 14.22
C SER B 209 28.14 19.83 13.91
N GLY B 210 27.07 19.05 13.98
CA GLY B 210 25.73 19.60 13.84
C GLY B 210 25.44 20.09 12.43
N SER B 211 26.05 19.44 11.44
CA SER B 211 25.87 19.84 10.04
C SER B 211 24.94 19.00 9.16
N GLN B 212 24.33 17.97 9.72
CA GLN B 212 23.15 17.40 9.09
C GLN B 212 22.04 18.46 9.14
N THR B 213 21.18 18.46 8.12
CA THR B 213 20.13 19.46 8.05
C THR B 213 18.76 18.85 8.39
N ARG B 214 17.84 19.71 8.78
CA ARG B 214 16.43 19.37 8.89
C ARG B 214 15.67 20.52 8.22
N ALA B 215 14.56 20.23 7.59
CA ALA B 215 13.79 21.29 6.94
C ALA B 215 12.45 21.30 7.63
N PHE B 216 11.95 22.49 7.88
CA PHE B 216 10.73 22.60 8.61
C PHE B 216 9.75 23.64 8.09
N GLN B 217 8.48 23.32 8.24
CA GLN B 217 7.39 24.08 7.66
C GLN B 217 6.53 24.54 8.83
N TYR B 218 6.29 25.84 8.91
CA TYR B 218 5.41 26.39 9.94
C TYR B 218 3.93 26.03 9.64
N VAL B 219 3.17 25.74 10.70
CA VAL B 219 1.83 25.16 10.53
C VAL B 219 0.87 26.01 9.67
N SER B 220 0.92 27.32 9.84
CA SER B 220 0.06 28.19 9.03
C SER B 220 0.41 28.23 7.55
N ASP B 221 1.68 28.07 7.20
CA ASP B 221 2.02 27.82 5.81
C ASP B 221 1.34 26.53 5.25
N LEU B 222 1.43 25.44 6.00
CA LEU B 222 0.80 24.19 5.59
C LEU B 222 -0.71 24.40 5.40
N VAL B 223 -1.35 24.99 6.40
CA VAL B 223 -2.80 25.14 6.39
C VAL B 223 -3.26 25.96 5.18
N ASN B 224 -2.50 27.01 4.86
CA ASN B 224 -2.77 27.75 3.65
C ASN B 224 -2.69 26.89 2.43
N GLY B 225 -1.61 26.08 2.36
CA GLY B 225 -1.39 25.18 1.24
C GLY B 225 -2.56 24.22 1.09
N LEU B 226 -3.04 23.68 2.21
CA LEU B 226 -4.17 22.76 2.16
C LEU B 226 -5.43 23.40 1.59
N VAL B 227 -5.78 24.56 2.10
CA VAL B 227 -6.92 25.27 1.57
C VAL B 227 -6.77 25.64 0.09
N ALA B 228 -5.64 26.22 -0.28
CA ALA B 228 -5.40 26.49 -1.70
C ALA B 228 -5.61 25.18 -2.49
N LEU B 229 -4.98 24.10 -2.03
CA LEU B 229 -5.08 22.84 -2.76
C LEU B 229 -6.51 22.38 -2.89
N MET B 230 -7.26 22.44 -1.79
CA MET B 230 -8.65 21.98 -1.76
C MET B 230 -9.48 22.69 -2.83
N ASN B 231 -9.25 23.99 -2.99
CA ASN B 231 -10.10 24.82 -3.85
C ASN B 231 -9.51 25.04 -5.25
N SER B 232 -8.45 24.31 -5.57
CA SER B 232 -7.88 24.35 -6.92
C SER B 232 -8.55 23.29 -7.79
N ASN B 233 -8.15 23.20 -9.05
CA ASN B 233 -8.55 22.08 -9.93
C ASN B 233 -7.47 21.00 -10.06
N VAL B 234 -6.55 20.93 -9.08
CA VAL B 234 -5.43 19.98 -9.16
C VAL B 234 -5.68 18.68 -8.41
N SER B 235 -5.86 17.59 -9.15
CA SER B 235 -6.30 16.38 -8.49
C SER B 235 -5.12 15.47 -8.21
N SER B 236 -4.01 15.66 -8.90
CA SER B 236 -2.90 14.76 -8.70
C SER B 236 -2.06 15.27 -7.51
N PRO B 237 -1.15 14.43 -6.99
CA PRO B 237 -0.55 14.74 -5.67
C PRO B 237 0.30 16.03 -5.69
N VAL B 238 0.27 16.79 -4.60
CA VAL B 238 1.07 17.98 -4.49
C VAL B 238 1.85 18.02 -3.18
N ASN B 239 3.15 18.24 -3.31
CA ASN B 239 4.04 18.34 -2.15
C ASN B 239 3.76 19.66 -1.45
N LEU B 240 3.45 19.60 -0.16
CA LEU B 240 3.42 20.79 0.69
C LEU B 240 4.48 20.64 1.77
N GLY B 241 5.58 21.36 1.62
CA GLY B 241 6.62 21.36 2.63
C GLY B 241 7.49 22.60 2.45
N ASN B 242 8.48 22.75 3.31
CA ASN B 242 9.40 23.84 3.16
C ASN B 242 10.77 23.32 2.71
N PRO B 243 11.24 23.69 1.52
CA PRO B 243 12.51 23.14 1.06
C PRO B 243 13.77 23.78 1.65
N GLU B 244 13.62 24.87 2.40
CA GLU B 244 14.79 25.58 2.87
C GLU B 244 15.58 24.76 3.89
N GLU B 245 16.82 24.50 3.60
CA GLU B 245 17.71 23.74 4.52
C GLU B 245 18.15 24.58 5.74
N HIS B 246 18.12 24.00 6.93
CA HIS B 246 18.93 24.53 7.99
C HIS B 246 19.60 23.45 8.78
N THR B 247 20.87 23.67 9.10
CA THR B 247 21.62 22.71 9.88
C THR B 247 21.07 22.61 11.28
N ILE B 248 21.38 21.50 11.93
CA ILE B 248 20.99 21.26 13.31
C ILE B 248 21.65 22.27 14.22
N LEU B 249 22.87 22.70 13.87
CA LEU B 249 23.60 23.69 14.67
C LEU B 249 22.85 25.03 14.63
N GLU B 250 22.42 25.43 13.44
CA GLU B 250 21.64 26.66 13.36
C GLU B 250 20.36 26.56 14.17
N PHE B 251 19.63 25.45 14.09
CA PHE B 251 18.45 25.31 14.95
C PHE B 251 18.82 25.60 16.38
N ALA B 252 19.93 25.02 16.83
CA ALA B 252 20.30 25.12 18.25
C ALA B 252 20.57 26.57 18.60
N GLN B 253 21.19 27.30 17.67
CA GLN B 253 21.66 28.65 17.90
C GLN B 253 20.45 29.61 17.98
N LEU B 254 19.59 29.53 16.97
CA LEU B 254 18.32 30.23 16.94
C LEU B 254 17.46 29.99 18.18
N ILE B 255 17.31 28.74 18.56
CA ILE B 255 16.44 28.44 19.67
C ILE B 255 17.05 28.96 20.98
N LYS B 256 18.38 28.89 21.09
CA LYS B 256 19.05 29.35 22.30
C LYS B 256 18.81 30.85 22.45
N ASN B 257 18.92 31.56 21.34
CA ASN B 257 18.75 33.02 21.35
C ASN B 257 17.34 33.55 21.53
N LEU B 258 16.37 32.89 20.90
CA LEU B 258 14.97 33.24 21.03
C LEU B 258 14.43 32.96 22.43
N VAL B 259 15.00 32.00 23.10
CA VAL B 259 14.53 31.66 24.42
C VAL B 259 15.20 32.47 25.50
N GLY B 260 16.46 32.79 25.30
CA GLY B 260 17.28 33.52 26.25
C GLY B 260 17.19 32.98 27.63
N SER B 261 18.07 32.08 28.00
CA SER B 261 17.89 31.40 29.26
C SER B 261 19.18 30.93 29.85
N GLY B 262 20.24 31.04 29.10
CA GLY B 262 21.48 30.59 29.66
C GLY B 262 21.77 29.14 29.41
N SER B 263 20.92 28.49 28.65
CA SER B 263 21.28 27.21 28.14
C SER B 263 22.52 27.43 27.32
N GLU B 264 23.44 26.52 27.38
CA GLU B 264 24.61 26.57 26.50
C GLU B 264 24.56 25.49 25.40
N ILE B 265 24.97 25.84 24.19
CA ILE B 265 25.24 24.84 23.19
C ILE B 265 26.55 24.12 23.53
N GLN B 266 26.74 22.94 22.94
CA GLN B 266 27.66 21.93 23.45
C GLN B 266 27.70 20.87 22.36
N PHE B 267 28.88 20.62 21.81
CA PHE B 267 29.07 19.54 20.85
C PHE B 267 29.32 18.17 21.50
N LEU B 268 28.76 17.12 20.91
CA LEU B 268 29.14 15.75 21.27
C LEU B 268 29.66 15.04 20.04
N SER B 269 30.95 15.21 19.78
CA SER B 269 31.44 14.92 18.44
C SER B 269 31.58 13.43 18.13
N GLU B 270 31.51 12.56 19.13
CA GLU B 270 31.48 11.14 18.88
C GLU B 270 30.08 10.61 18.55
N ALA B 271 29.08 11.46 18.72
CA ALA B 271 27.72 11.11 18.34
C ALA B 271 27.46 11.54 16.90
N GLN B 272 26.52 10.89 16.22
CA GLN B 272 26.17 11.26 14.85
C GLN B 272 24.70 11.53 14.68
N ASP B 273 24.35 12.56 13.91
CA ASP B 273 22.99 12.68 13.43
C ASP B 273 22.80 11.92 12.10
N ASP B 274 21.64 11.30 11.95
CA ASP B 274 21.09 10.90 10.65
C ASP B 274 20.99 12.07 9.70
N PRO B 275 21.34 11.83 8.42
CA PRO B 275 21.10 12.83 7.36
C PRO B 275 19.61 13.09 7.19
N GLN B 276 19.28 14.29 6.69
CA GLN B 276 17.93 14.64 6.27
C GLN B 276 17.40 13.57 5.33
N LYS B 277 16.24 13.02 5.63
CA LYS B 277 15.73 11.90 4.88
C LYS B 277 15.14 12.32 3.55
N ARG B 278 14.31 13.36 3.56
CA ARG B 278 13.66 13.77 2.32
C ARG B 278 13.56 15.28 2.20
N LYS B 279 13.36 15.74 0.98
CA LYS B 279 13.38 17.16 0.71
C LYS B 279 12.42 17.45 -0.40
N PRO B 280 11.40 18.24 -0.12
CA PRO B 280 10.34 18.40 -1.09
C PRO B 280 10.82 19.24 -2.25
N ASP B 281 10.46 18.85 -3.47
CA ASP B 281 10.40 19.79 -4.58
C ASP B 281 9.00 20.45 -4.64
N ILE B 282 8.93 21.77 -4.44
CA ILE B 282 7.62 22.41 -4.39
C ILE B 282 7.29 23.26 -5.61
N LYS B 283 7.99 23.00 -6.70
CA LYS B 283 7.70 23.66 -7.95
C LYS B 283 6.18 23.59 -8.28
N LYS B 284 5.59 22.42 -8.08
CA LYS B 284 4.23 22.18 -8.53
C LYS B 284 3.24 23.05 -7.73
N ALA B 285 3.45 23.14 -6.41
CA ALA B 285 2.61 23.99 -5.56
C ALA B 285 2.76 25.45 -5.92
N LYS B 286 3.99 25.88 -6.22
CA LYS B 286 4.21 27.24 -6.71
C LYS B 286 3.40 27.49 -7.96
N LEU B 287 3.66 26.70 -9.01
CA LEU B 287 3.07 26.91 -10.31
C LEU B 287 1.56 26.78 -10.30
N MET B 288 1.04 25.78 -9.59
CA MET B 288 -0.35 25.48 -9.79
C MET B 288 -1.25 25.98 -8.68
N LEU B 289 -0.70 26.31 -7.51
CA LEU B 289 -1.47 26.99 -6.48
C LEU B 289 -1.00 28.41 -6.21
N GLY B 290 0.09 28.85 -6.82
CA GLY B 290 0.78 30.06 -6.35
C GLY B 290 1.14 30.03 -4.87
N TRP B 291 1.39 28.83 -4.31
CA TRP B 291 1.76 28.70 -2.89
C TRP B 291 3.26 28.51 -2.66
N GLU B 292 3.73 29.01 -1.54
CA GLU B 292 5.05 28.68 -1.02
C GLU B 292 5.07 29.07 0.45
N PRO B 293 6.00 28.50 1.22
CA PRO B 293 6.00 28.90 2.64
C PRO B 293 6.39 30.38 2.76
N VAL B 294 5.69 31.13 3.62
CA VAL B 294 6.02 32.55 3.78
C VAL B 294 6.46 32.96 5.21
N VAL B 295 6.14 32.16 6.22
CA VAL B 295 6.64 32.36 7.59
C VAL B 295 8.13 32.01 7.74
N PRO B 296 8.99 33.03 7.91
CA PRO B 296 10.42 32.81 8.17
C PRO B 296 10.67 31.89 9.38
N LEU B 297 11.79 31.18 9.34
CA LEU B 297 12.11 30.25 10.42
C LEU B 297 12.04 30.94 11.77
N GLU B 298 12.66 32.11 11.89
CA GLU B 298 12.79 32.75 13.20
C GLU B 298 11.44 33.08 13.82
N GLU B 299 10.54 33.58 13.00
CA GLU B 299 9.20 33.93 13.45
C GLU B 299 8.44 32.68 13.86
N GLY B 300 8.60 31.62 13.08
CA GLY B 300 7.90 30.37 13.37
C GLY B 300 8.38 29.77 14.67
N LEU B 301 9.70 29.67 14.84
CA LEU B 301 10.26 29.15 16.08
C LEU B 301 9.72 29.96 17.26
N ASN B 302 9.68 31.27 17.07
CA ASN B 302 9.10 32.14 18.07
C ASN B 302 7.71 31.74 18.49
N LYS B 303 6.81 31.56 17.50
CA LYS B 303 5.45 31.21 17.82
C LYS B 303 5.39 29.83 18.46
N ALA B 304 6.34 28.98 18.11
CA ALA B 304 6.40 27.66 18.69
C ALA B 304 6.89 27.70 20.15
N ILE B 305 7.96 28.46 20.41
CA ILE B 305 8.44 28.68 21.77
C ILE B 305 7.36 29.22 22.73
N HIS B 306 6.65 30.26 22.30
CA HIS B 306 5.54 30.82 23.08
C HIS B 306 4.57 29.71 23.48
N TYR B 307 4.21 28.87 22.54
CA TYR B 307 3.33 27.78 22.88
C TYR B 307 3.94 26.78 23.88
N PHE B 308 5.16 26.30 23.64
CA PHE B 308 5.67 25.29 24.57
C PHE B 308 5.79 25.94 25.97
N ARG B 309 6.15 27.23 26.00
CA ARG B 309 6.29 27.97 27.25
C ARG B 309 4.96 27.95 27.98
N LYS B 310 3.92 28.50 27.36
CA LYS B 310 2.53 28.39 27.83
C LYS B 310 2.13 26.96 28.24
N GLU B 311 2.50 25.96 27.45
CA GLU B 311 1.96 24.63 27.69
C GLU B 311 2.68 23.82 28.75
N LEU B 312 3.98 24.02 28.89
CA LEU B 312 4.70 23.56 30.06
C LEU B 312 3.96 24.07 31.29
N GLU B 313 3.55 25.33 31.23
CA GLU B 313 2.88 26.00 32.34
C GLU B 313 1.38 25.60 32.55
N TYR B 314 0.83 24.80 31.65
CA TYR B 314 -0.58 24.41 31.71
C TYR B 314 -0.76 22.92 32.07
N GLN B 315 0.11 22.07 31.52
CA GLN B 315 0.25 20.69 31.99
C GLN B 315 1.30 20.61 33.10
PA NAD C . -8.17 -16.57 -10.09
O1A NAD C . -8.48 -17.72 -10.88
O2A NAD C . -8.88 -15.39 -10.40
O5B NAD C . -8.42 -16.92 -8.62
C5B NAD C . -8.77 -16.00 -7.63
C4B NAD C . -10.03 -16.47 -6.93
O4B NAD C . -10.39 -15.59 -5.90
C3B NAD C . -11.21 -16.54 -7.84
O3B NAD C . -11.67 -17.86 -7.73
C2B NAD C . -12.18 -15.51 -7.30
O2B NAD C . -13.55 -15.80 -7.46
C1B NAD C . -11.77 -15.40 -5.86
N9A NAD C . -12.09 -14.12 -5.27
C8A NAD C . -11.76 -12.94 -5.74
N7A NAD C . -12.18 -11.99 -4.95
C5A NAD C . -12.80 -12.54 -3.93
C6A NAD C . -13.52 -12.09 -2.74
N6A NAD C . -13.63 -10.80 -2.48
N1A NAD C . -14.03 -13.00 -1.95
C2A NAD C . -13.94 -14.28 -2.21
N3A NAD C . -13.33 -14.78 -3.26
C4A NAD C . -12.77 -13.97 -4.16
O3 NAD C . -6.66 -16.31 -10.23
PN NAD C . -5.41 -17.11 -9.79
O1N NAD C . -5.77 -18.40 -9.31
O2N NAD C . -4.49 -16.95 -10.87
O5D NAD C . -5.00 -16.18 -8.67
C5D NAD C . -5.03 -16.64 -7.34
C4D NAD C . -4.04 -15.96 -6.43
O4D NAD C . -2.74 -16.08 -6.91
C3D NAD C . -4.37 -14.50 -6.43
O3D NAD C . -4.42 -14.04 -5.09
C2D NAD C . -3.28 -13.90 -7.22
O2D NAD C . -3.02 -12.62 -6.76
C1D NAD C . -2.14 -14.82 -6.95
N1N NAD C . -1.21 -14.78 -8.04
C2N NAD C . -1.44 -15.43 -9.14
C3N NAD C . -0.54 -15.37 -10.18
C7N NAD C . -0.75 -16.11 -11.43
O7N NAD C . 0.05 -16.00 -12.29
N7N NAD C . -1.79 -16.87 -11.60
C4N NAD C . 0.58 -14.63 -10.06
C5N NAD C . 0.78 -13.96 -8.90
C6N NAD C . -0.13 -14.07 -7.89
C GAI D . 4.93 -12.27 -30.30
N1 GAI D . 4.82 -11.48 -29.25
N2 GAI D . 6.12 -12.51 -30.83
N3 GAI D . 3.85 -12.83 -30.83
S SO4 E . 6.02 -12.00 -13.68
O1 SO4 E . 6.92 -11.67 -14.80
O2 SO4 E . 4.64 -11.63 -14.00
O3 SO4 E . 6.07 -13.44 -13.38
O4 SO4 E . 6.43 -11.25 -12.51
PA NAD F . -2.29 14.67 14.92
O1A NAD F . -2.14 15.86 15.81
O2A NAD F . -2.10 13.38 15.62
O5B NAD F . -3.72 14.70 14.21
C5B NAD F . -4.39 13.48 14.01
C4B NAD F . -5.80 13.62 14.56
O4B NAD F . -6.54 12.56 14.02
C3B NAD F . -5.83 13.48 16.09
O3B NAD F . -6.74 14.43 16.60
C2B NAD F . -6.37 12.07 16.28
O2B NAD F . -7.11 11.89 17.48
C1B NAD F . -7.23 11.88 15.03
N9A NAD F . -7.44 10.46 14.71
C8A NAD F . -6.49 9.46 14.66
N7A NAD F . -7.09 8.31 14.33
C5A NAD F . -8.41 8.53 14.18
C6A NAD F . -9.48 7.69 13.84
N6A NAD F . -9.30 6.39 13.53
N1A NAD F . -10.74 8.25 13.76
C2A NAD F . -10.95 9.60 13.99
N3A NAD F . -9.87 10.41 14.33
C4A NAD F . -8.63 9.88 14.41
O3 NAD F . -1.20 14.75 13.75
PN NAD F . -1.08 15.96 12.72
O1N NAD F . -2.17 16.93 12.94
O2N NAD F . 0.35 16.33 12.68
O5D NAD F . -1.38 15.17 11.35
C5D NAD F . -2.46 15.47 10.50
C4D NAD F . -2.23 14.71 9.20
O4D NAD F . -1.12 15.22 8.50
C3D NAD F . -1.95 13.24 9.47
O3D NAD F . -2.71 12.47 8.55
C2D NAD F . -0.47 13.09 9.20
O2D NAD F . -0.15 11.82 8.71
C1D NAD F . -0.21 14.19 8.18
N1N NAD F . 1.20 14.63 8.23
C2N NAD F . 1.63 15.59 9.14
C3N NAD F . 2.99 15.98 9.17
C7N NAD F . 3.56 16.68 10.36
O7N NAD F . 4.93 17.01 10.35
N7N NAD F . 2.80 17.01 11.40
C4N NAD F . 3.90 15.37 8.30
C5N NAD F . 3.46 14.39 7.41
C6N NAD F . 2.11 14.03 7.38
C GAI G . 21.26 16.36 18.08
N1 GAI G . 21.12 16.82 19.31
N2 GAI G . 22.30 16.73 17.34
N3 GAI G . 20.35 15.53 17.58
S SO4 H . 28.34 15.95 11.35
O1 SO4 H . 29.67 16.52 11.28
O2 SO4 H . 27.80 15.83 10.01
O3 SO4 H . 28.42 14.62 11.92
O4 SO4 H . 27.49 16.84 12.14
#